data_6FUA
#
_entry.id   6FUA
#
_cell.length_a   101.570
_cell.length_b   146.240
_cell.length_c   93.800
_cell.angle_alpha   90.000
_cell.angle_beta   102.980
_cell.angle_gamma   90.000
#
_symmetry.space_group_name_H-M   'C 1 2 1'
#
loop_
_entity.id
_entity.type
_entity.pdbx_description
1 polymer 'ATP phosphoribosyltransferase regulatory subunit'
2 polymer 'ATP phosphoribosyltransferase'
3 non-polymer 'CHLORIDE ION'
4 non-polymer "ADENOSINE-5'-DIPHOSPHATE"
5 non-polymer 1-O-pyrophosphono-5-O-phosphono-alpha-D-ribofuranose
6 non-polymer 'MAGNESIUM ION'
7 water water
#
loop_
_entity_poly.entity_id
_entity_poly.type
_entity_poly.pdbx_seq_one_letter_code
_entity_poly.pdbx_strand_id
1 'polypeptide(L)'
;GMLPDGVADVLFEDAHKQEVLRHQLTQQLITHGYQLVSPPMIEFTESLLSGASEDLKRQTFKIIDQLTGRLMGIRADITP
QILRIDAHHGGDGIARYCYAGDVIHTLPSGLFGSRTPLQLGAEIFGCESIAADIELIDVLFSMINSLDMSAVLHVDLGHV
TIFKRLAELAALSASDTEQLMQLYANKNLPELKQVCQVLPMGSDFYTLARFGHDIANLLGRLSENAQQDTKIVTAIDELQ
RLKAHLQVQWQCAVSIDVTELSGYHYHTGIVFNGYINSETQPLVRGGRFDGMKSNQLATNQPRQATGFSMDVSRLLAHTQ
LDAPFIVLIDYDAFNNLDSAQRQLLLQQVASLRQQGYRVTMPLTAEDMPVGLTHRLSLADNQWRLHAV
;
A,B
2 'polypeptide(L)'
;GMTEVTNSLPTSGLLNEANDEFLGLTLALSKGRILEETMPLLRAAGVELLEDPEASRKLIFPTSNPNVRVLILRASDVPT
YVEHGAADFGVAGKDVLLEHGANHVYELLDLKIAQCKLMTAGVKDAPLPNRRLRIATKYVNVARAYFASQGQQVDVIKLY
GSMELAPLVGLGDLIVDVVDTGNTLRANGLEARDHICDVSSRLIVNQVSYKRKFALLEPILDSFKNSINSTS
;
C,D
#
loop_
_chem_comp.id
_chem_comp.type
_chem_comp.name
_chem_comp.formula
ADP non-polymer ADENOSINE-5'-DIPHOSPHATE 'C10 H15 N5 O10 P2'
CL non-polymer 'CHLORIDE ION' 'Cl -1'
MG non-polymer 'MAGNESIUM ION' 'Mg 2'
PRP D-saccharide 1-O-pyrophosphono-5-O-phosphono-alpha-D-ribofuranose 'C5 H13 O14 P3'
#
# COMPACT_ATOMS: atom_id res chain seq x y z
N GLY A 1 19.39 -26.72 -1.44
CA GLY A 1 19.00 -25.68 -0.44
C GLY A 1 19.18 -24.24 -0.91
N MET A 2 18.52 -23.88 -2.01
CA MET A 2 18.59 -22.51 -2.57
C MET A 2 17.70 -21.49 -1.86
N LEU A 3 16.85 -21.95 -0.94
CA LEU A 3 15.97 -21.06 -0.21
C LEU A 3 16.39 -20.99 1.24
N PRO A 4 16.14 -19.86 1.92
CA PRO A 4 16.49 -19.76 3.33
C PRO A 4 15.84 -20.85 4.18
N ASP A 5 16.43 -21.15 5.34
CA ASP A 5 15.92 -22.18 6.23
C ASP A 5 14.55 -21.81 6.78
N GLY A 6 13.65 -22.76 6.74
CA GLY A 6 12.25 -22.54 7.13
C GLY A 6 11.51 -21.75 6.08
N VAL A 7 11.91 -21.90 4.82
CA VAL A 7 11.25 -21.25 3.69
C VAL A 7 11.21 -22.24 2.55
N ALA A 8 9.99 -22.57 2.11
CA ALA A 8 9.78 -23.57 1.07
C ALA A 8 8.69 -23.16 0.10
N ASP A 9 8.87 -23.51 -1.16
CA ASP A 9 7.78 -23.46 -2.12
C ASP A 9 6.71 -24.46 -1.71
N VAL A 10 5.46 -24.12 -1.96
CA VAL A 10 4.37 -25.08 -1.95
C VAL A 10 3.83 -25.08 -3.37
N LEU A 11 3.95 -26.21 -4.06
CA LEU A 11 3.75 -26.28 -5.52
C LEU A 11 2.73 -27.30 -5.99
N PHE A 12 2.09 -26.96 -7.11
CA PHE A 12 1.30 -27.93 -7.85
C PHE A 12 0.17 -28.44 -6.95
N GLU A 13 0.06 -29.76 -6.75
CA GLU A 13 -1.08 -30.30 -6.03
C GLU A 13 -1.09 -29.91 -4.56
N ASP A 14 0.08 -29.77 -3.96
CA ASP A 14 0.13 -29.30 -2.59
C ASP A 14 -0.42 -27.88 -2.53
N ALA A 15 -0.08 -27.07 -3.53
CA ALA A 15 -0.55 -25.70 -3.61
C ALA A 15 -2.06 -25.61 -3.81
N HIS A 16 -2.61 -26.46 -4.67
CA HIS A 16 -4.05 -26.57 -4.86
C HIS A 16 -4.73 -26.97 -3.56
N LYS A 17 -4.14 -27.97 -2.87
CA LYS A 17 -4.66 -28.45 -1.59
C LYS A 17 -4.69 -27.34 -0.57
N GLN A 18 -3.63 -26.55 -0.52
CA GLN A 18 -3.52 -25.43 0.41
C GLN A 18 -4.59 -24.39 0.16
N GLU A 19 -4.84 -24.09 -1.12
CA GLU A 19 -5.89 -23.16 -1.50
C GLU A 19 -7.25 -23.68 -1.00
N VAL A 20 -7.52 -24.95 -1.28
CA VAL A 20 -8.77 -25.61 -0.88
C VAL A 20 -8.97 -25.54 0.63
N LEU A 21 -7.95 -25.92 1.40
CA LEU A 21 -8.05 -25.94 2.86
C LEU A 21 -8.31 -24.53 3.36
N ARG A 22 -7.40 -23.64 3.03
CA ARG A 22 -7.53 -22.23 3.38
C ARG A 22 -8.93 -21.72 3.12
N HIS A 23 -9.50 -22.06 1.97
CA HIS A 23 -10.83 -21.58 1.59
C HIS A 23 -11.94 -22.25 2.38
N GLN A 24 -11.93 -23.59 2.45
CA GLN A 24 -12.94 -24.35 3.21
C GLN A 24 -12.99 -23.91 4.67
N LEU A 25 -11.84 -23.87 5.32
CA LEU A 25 -11.73 -23.48 6.73
C LEU A 25 -12.18 -22.04 6.95
N THR A 26 -11.74 -21.14 6.09
CA THR A 26 -12.18 -19.75 6.12
C THR A 26 -13.70 -19.64 6.03
N GLN A 27 -14.30 -20.36 5.10
CA GLN A 27 -15.75 -20.29 4.94
C GLN A 27 -16.46 -20.94 6.13
N GLN A 28 -15.98 -22.10 6.61
CA GLN A 28 -16.53 -22.72 7.83
C GLN A 28 -16.67 -21.69 8.95
N LEU A 29 -15.60 -20.93 9.18
CA LEU A 29 -15.60 -19.89 10.22
C LEU A 29 -16.62 -18.80 9.96
N ILE A 30 -16.72 -18.38 8.70
CA ILE A 30 -17.69 -17.39 8.29
C ILE A 30 -19.13 -17.84 8.59
N THR A 31 -19.39 -19.12 8.32
CA THR A 31 -20.73 -19.69 8.54
C THR A 31 -21.03 -19.91 10.01
N HIS A 32 -20.00 -20.04 10.84
CA HIS A 32 -20.17 -20.00 12.32
C HIS A 32 -20.34 -18.57 12.88
N GLY A 33 -20.24 -17.56 12.01
CA GLY A 33 -20.60 -16.20 12.36
C GLY A 33 -19.43 -15.34 12.75
N TYR A 34 -18.23 -15.70 12.28
CA TYR A 34 -17.01 -14.93 12.50
C TYR A 34 -16.79 -14.01 11.32
N GLN A 35 -16.64 -12.72 11.55
CA GLN A 35 -16.46 -11.77 10.46
C GLN A 35 -15.05 -11.93 9.93
N LEU A 36 -14.89 -12.13 8.63
CA LEU A 36 -13.56 -12.20 8.02
C LEU A 36 -12.95 -10.81 7.97
N VAL A 37 -11.68 -10.71 8.34
CA VAL A 37 -10.92 -9.47 8.18
C VAL A 37 -9.57 -9.77 7.55
N SER A 38 -9.10 -8.88 6.71
CA SER A 38 -7.86 -9.12 5.99
C SER A 38 -6.91 -7.93 6.14
N PRO A 39 -6.26 -7.83 7.31
CA PRO A 39 -5.29 -6.75 7.53
C PRO A 39 -4.02 -6.91 6.67
N PRO A 40 -3.25 -5.83 6.51
CA PRO A 40 -2.13 -5.84 5.57
C PRO A 40 -0.91 -6.58 6.10
N MET A 41 0.02 -6.91 5.22
CA MET A 41 1.30 -7.53 5.61
C MET A 41 2.21 -6.62 6.44
N ILE A 42 2.12 -5.30 6.21
CA ILE A 42 2.97 -4.34 6.90
C ILE A 42 2.18 -3.23 7.58
N GLU A 43 2.68 -2.76 8.71
CA GLU A 43 2.20 -1.54 9.38
C GLU A 43 3.40 -0.79 9.93
N PHE A 44 3.18 0.46 10.36
CA PHE A 44 4.14 1.13 11.22
C PHE A 44 4.24 0.30 12.50
N THR A 45 5.44 0.25 13.08
CA THR A 45 5.68 -0.52 14.31
C THR A 45 4.87 -0.03 15.52
N GLU A 46 4.63 1.29 15.57
CA GLU A 46 3.78 1.89 16.61
C GLU A 46 2.50 1.09 16.80
N SER A 47 1.79 0.84 15.70
CA SER A 47 0.56 0.05 15.71
C SER A 47 0.81 -1.47 15.74
N LEU A 48 1.79 -1.94 14.97
CA LEU A 48 1.99 -3.38 14.81
C LEU A 48 2.44 -4.09 16.08
N LEU A 49 3.34 -3.46 16.81
CA LEU A 49 3.96 -4.03 17.99
C LEU A 49 3.56 -3.30 19.27
N SER A 50 2.36 -2.72 19.29
CA SER A 50 1.82 -2.14 20.52
C SER A 50 1.48 -3.28 21.47
N GLY A 51 1.89 -3.13 22.73
CA GLY A 51 1.75 -4.18 23.72
C GLY A 51 2.50 -5.47 23.42
N ALA A 52 3.45 -5.44 22.48
CA ALA A 52 4.10 -6.66 22.01
C ALA A 52 5.11 -7.19 23.03
N SER A 53 5.21 -8.51 23.13
CA SER A 53 6.23 -9.15 23.97
C SER A 53 7.61 -8.94 23.36
N GLU A 54 8.63 -9.41 24.06
CA GLU A 54 9.99 -9.34 23.54
C GLU A 54 10.24 -10.40 22.47
N ASP A 55 9.59 -11.57 22.61
CA ASP A 55 9.70 -12.61 21.57
C ASP A 55 9.04 -12.17 20.27
N LEU A 56 7.94 -11.44 20.39
CA LEU A 56 7.21 -10.96 19.22
C LEU A 56 8.00 -9.90 18.51
N LYS A 57 8.53 -8.95 19.27
CA LYS A 57 9.35 -7.89 18.70
C LYS A 57 10.56 -8.46 17.94
N ARG A 58 11.26 -9.41 18.55
CA ARG A 58 12.42 -10.05 17.90
C ARG A 58 12.04 -10.84 16.65
N GLN A 59 10.87 -11.48 16.64
CA GLN A 59 10.41 -12.22 15.44
C GLN A 59 9.99 -11.35 14.25
N THR A 60 9.71 -10.07 14.51
CA THR A 60 9.15 -9.16 13.51
C THR A 60 10.23 -8.40 12.74
N PHE A 61 10.49 -8.81 11.49
CA PHE A 61 11.36 -8.04 10.58
C PHE A 61 11.03 -6.56 10.54
N LYS A 62 12.06 -5.71 10.45
CA LYS A 62 11.89 -4.27 10.37
C LYS A 62 12.29 -3.75 9.00
N ILE A 63 11.56 -2.75 8.52
CA ILE A 63 11.84 -2.10 7.24
C ILE A 63 11.47 -0.63 7.33
N ILE A 64 11.96 0.16 6.39
CA ILE A 64 11.83 1.62 6.49
C ILE A 64 10.86 2.17 5.44
N ASP A 65 9.84 2.87 5.91
CA ASP A 65 8.92 3.59 5.03
C ASP A 65 9.71 4.75 4.42
N GLN A 66 10.02 4.66 3.14
CA GLN A 66 10.75 5.74 2.46
C GLN A 66 9.97 7.05 2.36
N LEU A 67 8.65 7.01 2.49
CA LEU A 67 7.83 8.22 2.37
C LEU A 67 7.82 9.07 3.65
N THR A 68 8.05 8.44 4.80
CA THR A 68 8.05 9.15 6.08
C THR A 68 9.34 8.95 6.91
N GLY A 69 10.26 8.13 6.43
CA GLY A 69 11.44 7.74 7.20
C GLY A 69 11.17 6.93 8.46
N ARG A 70 9.94 6.45 8.65
CA ARG A 70 9.57 5.77 9.90
C ARG A 70 9.79 4.27 9.82
N LEU A 71 9.77 3.62 10.97
CA LEU A 71 9.90 2.17 11.05
C LEU A 71 8.57 1.50 10.77
N MET A 72 8.61 0.51 9.87
CA MET A 72 7.52 -0.43 9.66
C MET A 72 7.99 -1.84 9.98
N GLY A 73 7.04 -2.77 10.02
CA GLY A 73 7.35 -4.19 10.24
C GLY A 73 6.55 -5.13 9.35
N ILE A 74 7.16 -6.23 8.93
CA ILE A 74 6.44 -7.29 8.25
C ILE A 74 5.96 -8.20 9.37
N ARG A 75 4.65 -8.21 9.55
CA ARG A 75 3.98 -8.93 10.64
C ARG A 75 4.47 -10.36 10.82
N ALA A 76 4.56 -10.77 12.08
CA ALA A 76 4.87 -12.13 12.47
C ALA A 76 3.69 -12.83 13.12
N ASP A 77 2.65 -12.07 13.43
CA ASP A 77 1.42 -12.60 14.01
C ASP A 77 0.32 -11.62 13.65
N ILE A 78 -0.86 -12.14 13.31
CA ILE A 78 -2.03 -11.32 12.92
C ILE A 78 -2.84 -10.91 14.16
N THR A 79 -2.76 -11.73 15.21
CA THR A 79 -3.55 -11.53 16.42
C THR A 79 -3.62 -10.07 16.92
N PRO A 80 -2.47 -9.38 17.01
CA PRO A 80 -2.49 -7.95 17.37
C PRO A 80 -3.27 -7.06 16.40
N GLN A 81 -3.22 -7.40 15.11
CA GLN A 81 -3.98 -6.66 14.10
C GLN A 81 -5.48 -6.78 14.34
N ILE A 82 -5.93 -7.96 14.78
CA ILE A 82 -7.33 -8.16 15.12
C ILE A 82 -7.72 -7.29 16.32
N LEU A 83 -6.84 -7.16 17.31
CA LEU A 83 -7.03 -6.22 18.42
C LEU A 83 -7.26 -4.80 17.93
N ARG A 84 -6.39 -4.34 17.06
CA ARG A 84 -6.49 -3.00 16.47
C ARG A 84 -7.83 -2.81 15.77
N ILE A 85 -8.20 -3.77 14.92
CA ILE A 85 -9.47 -3.73 14.18
C ILE A 85 -10.65 -3.64 15.16
N ASP A 86 -10.64 -4.51 16.18
CA ASP A 86 -11.72 -4.53 17.18
C ASP A 86 -11.74 -3.27 18.04
N ALA A 87 -10.58 -2.67 18.27
CA ALA A 87 -10.52 -1.38 18.95
C ALA A 87 -11.30 -0.31 18.19
N HIS A 88 -11.08 -0.24 16.87
CA HIS A 88 -11.76 0.73 16.03
C HIS A 88 -13.23 0.34 15.83
N HIS A 89 -13.48 -0.84 15.26
CA HIS A 89 -14.85 -1.22 14.82
C HIS A 89 -15.68 -2.13 15.75
N GLY A 90 -15.08 -2.65 16.82
CA GLY A 90 -15.72 -3.71 17.62
C GLY A 90 -16.89 -3.32 18.50
N GLY A 91 -16.83 -2.13 19.10
CA GLY A 91 -17.86 -1.72 20.06
C GLY A 91 -17.78 -2.47 21.39
N ASP A 92 -18.74 -2.23 22.27
CA ASP A 92 -18.68 -2.78 23.64
C ASP A 92 -19.18 -4.21 23.72
N GLY A 93 -20.04 -4.61 22.79
CA GLY A 93 -20.65 -5.94 22.81
C GLY A 93 -19.71 -7.05 22.37
N ILE A 94 -20.28 -8.22 22.12
CA ILE A 94 -19.50 -9.36 21.62
C ILE A 94 -19.20 -9.15 20.12
N ALA A 95 -17.97 -9.49 19.73
CA ALA A 95 -17.50 -9.43 18.35
C ALA A 95 -16.71 -10.69 18.01
N ARG A 96 -16.90 -11.19 16.79
CA ARG A 96 -16.21 -12.40 16.34
C ARG A 96 -15.42 -12.09 15.07
N TYR A 97 -14.21 -12.62 14.96
CA TYR A 97 -13.37 -12.39 13.79
C TYR A 97 -12.68 -13.67 13.37
N CYS A 98 -12.47 -13.83 12.08
CA CYS A 98 -11.61 -14.87 11.55
C CYS A 98 -10.67 -14.23 10.53
N TYR A 99 -9.61 -14.95 10.19
CA TYR A 99 -8.55 -14.44 9.33
C TYR A 99 -7.66 -15.56 8.81
N ALA A 100 -7.14 -15.38 7.61
CA ALA A 100 -6.12 -16.24 7.07
C ALA A 100 -5.21 -15.34 6.26
N GLY A 101 -3.91 -15.54 6.46
CA GLY A 101 -2.91 -14.66 5.87
C GLY A 101 -1.50 -15.16 6.15
N ASP A 102 -0.57 -14.75 5.30
CA ASP A 102 0.84 -15.10 5.50
C ASP A 102 1.43 -14.21 6.58
N VAL A 103 2.28 -14.81 7.41
CA VAL A 103 3.10 -14.05 8.35
C VAL A 103 4.55 -14.51 8.22
N ILE A 104 5.48 -13.62 8.57
CA ILE A 104 6.93 -13.88 8.45
C ILE A 104 7.59 -13.83 9.83
N HIS A 105 8.45 -14.82 10.11
CA HIS A 105 9.31 -14.83 11.30
C HIS A 105 10.79 -14.67 10.93
N THR A 106 11.53 -13.97 11.77
CA THR A 106 12.98 -13.82 11.59
C THR A 106 13.73 -15.11 11.85
N LEU A 107 13.25 -15.88 12.84
CA LEU A 107 13.85 -17.16 13.24
C LEU A 107 12.79 -18.26 13.34
N PRO A 108 13.18 -19.53 13.08
CA PRO A 108 12.25 -20.65 13.26
C PRO A 108 11.75 -20.80 14.70
N SER A 109 10.53 -21.31 14.85
CA SER A 109 9.84 -21.37 16.14
C SER A 109 10.42 -22.46 17.03
N GLY A 110 10.65 -23.63 16.46
CA GLY A 110 11.52 -24.62 17.06
C GLY A 110 12.09 -25.49 15.96
N LEU A 111 12.41 -26.74 16.36
CA LEU A 111 13.19 -27.68 15.56
C LEU A 111 12.68 -27.78 14.13
N PHE A 112 13.50 -27.32 13.18
CA PHE A 112 13.18 -27.29 11.74
C PHE A 112 11.89 -26.51 11.37
N GLY A 113 11.48 -25.58 12.23
CA GLY A 113 10.22 -24.86 12.05
C GLY A 113 10.18 -23.94 10.85
N SER A 114 8.97 -23.69 10.34
CA SER A 114 8.76 -22.74 9.24
C SER A 114 8.92 -21.31 9.72
N ARG A 115 9.37 -20.45 8.81
CA ARG A 115 9.41 -19.00 9.03
C ARG A 115 8.38 -18.24 8.19
N THR A 116 7.66 -18.92 7.30
CA THR A 116 6.65 -18.29 6.43
C THR A 116 5.31 -19.02 6.53
N PRO A 117 4.79 -19.19 7.76
CA PRO A 117 3.53 -19.89 7.91
C PRO A 117 2.33 -19.12 7.34
N LEU A 118 1.29 -19.87 6.98
CA LEU A 118 0.01 -19.34 6.54
C LEU A 118 -0.94 -19.36 7.74
N GLN A 119 -0.96 -18.26 8.49
CA GLN A 119 -1.65 -18.21 9.77
C GLN A 119 -3.15 -18.05 9.56
N LEU A 120 -3.91 -19.03 10.03
CA LEU A 120 -5.36 -18.98 10.00
C LEU A 120 -5.87 -19.08 11.43
N GLY A 121 -6.86 -18.26 11.79
CA GLY A 121 -7.41 -18.29 13.15
C GLY A 121 -8.70 -17.52 13.37
N ALA A 122 -9.28 -17.72 14.55
CA ALA A 122 -10.53 -17.09 14.94
C ALA A 122 -10.40 -16.51 16.33
N GLU A 123 -11.28 -15.57 16.67
CA GLU A 123 -11.24 -14.87 17.95
C GLU A 123 -12.59 -14.32 18.39
N ILE A 124 -12.88 -14.36 19.70
CA ILE A 124 -14.10 -13.80 20.28
C ILE A 124 -13.70 -12.76 21.31
N PHE A 125 -14.21 -11.54 21.12
CA PHE A 125 -13.99 -10.43 22.05
C PHE A 125 -15.29 -10.14 22.77
N GLY A 126 -15.18 -9.57 23.97
CA GLY A 126 -16.33 -9.06 24.72
C GLY A 126 -17.15 -10.07 25.49
N CYS A 127 -16.57 -11.23 25.80
CA CYS A 127 -17.24 -12.22 26.62
C CYS A 127 -16.28 -12.76 27.67
N GLU A 128 -16.63 -12.56 28.94
CA GLU A 128 -15.84 -13.05 30.08
C GLU A 128 -16.03 -14.52 30.28
N SER A 129 -17.26 -14.98 30.03
CA SER A 129 -17.66 -16.35 30.30
C SER A 129 -16.79 -17.40 29.60
N ILE A 130 -16.53 -18.49 30.32
CA ILE A 130 -15.94 -19.73 29.79
C ILE A 130 -16.70 -20.28 28.57
N ALA A 131 -17.97 -19.89 28.41
CA ALA A 131 -18.76 -20.29 27.24
C ALA A 131 -18.16 -19.84 25.91
N ALA A 132 -17.48 -18.69 25.87
CA ALA A 132 -16.76 -18.24 24.66
C ALA A 132 -15.59 -19.17 24.31
N ASP A 133 -14.86 -19.63 25.31
CA ASP A 133 -13.77 -20.58 25.10
C ASP A 133 -14.29 -21.93 24.65
N ILE A 134 -15.51 -22.28 25.05
CA ILE A 134 -16.13 -23.54 24.63
C ILE A 134 -16.55 -23.43 23.16
N GLU A 135 -17.05 -22.26 22.76
CA GLU A 135 -17.48 -22.05 21.37
C GLU A 135 -16.30 -22.29 20.44
N LEU A 136 -15.19 -21.57 20.68
CA LEU A 136 -13.96 -21.72 19.90
C LEU A 136 -13.44 -23.15 19.84
N ILE A 137 -13.52 -23.86 20.97
CA ILE A 137 -13.15 -25.27 21.01
C ILE A 137 -14.04 -26.09 20.08
N ASP A 138 -15.33 -25.77 20.06
CA ASP A 138 -16.29 -26.47 19.19
C ASP A 138 -16.04 -26.09 17.74
N VAL A 139 -15.91 -24.79 17.46
CA VAL A 139 -15.62 -24.28 16.12
C VAL A 139 -14.35 -24.93 15.58
N LEU A 140 -13.31 -24.96 16.39
CA LEU A 140 -12.04 -25.58 16.02
C LEU A 140 -12.23 -27.04 15.66
N PHE A 141 -12.84 -27.80 16.55
CA PHE A 141 -12.94 -29.25 16.37
C PHE A 141 -13.91 -29.64 15.21
N SER A 142 -14.88 -28.79 14.90
CA SER A 142 -15.67 -28.98 13.68
C SER A 142 -14.77 -28.86 12.46
N MET A 143 -13.91 -27.85 12.47
CA MET A 143 -12.96 -27.59 11.39
C MET A 143 -12.01 -28.78 11.19
N ILE A 144 -11.39 -29.24 12.28
CA ILE A 144 -10.45 -30.37 12.23
C ILE A 144 -11.14 -31.65 11.75
N ASN A 145 -12.34 -31.91 12.26
CA ASN A 145 -13.10 -33.11 11.87
C ASN A 145 -13.51 -33.11 10.40
N SER A 146 -13.77 -31.93 9.84
CA SER A 146 -14.07 -31.78 8.42
C SER A 146 -12.91 -32.20 7.50
N LEU A 147 -11.67 -32.18 8.00
CA LEU A 147 -10.50 -32.50 7.19
C LEU A 147 -10.28 -33.98 6.85
N ASP A 148 -11.00 -34.90 7.48
CA ASP A 148 -10.83 -36.36 7.26
C ASP A 148 -9.37 -36.77 7.40
N MET A 149 -8.79 -36.49 8.55
CA MET A 149 -7.41 -36.89 8.82
C MET A 149 -7.38 -38.19 9.57
N SER A 150 -6.42 -39.05 9.23
CA SER A 150 -6.05 -40.18 10.10
C SER A 150 -5.27 -39.65 11.30
N ALA A 151 -4.59 -38.51 11.09
CA ALA A 151 -3.84 -37.83 12.13
C ALA A 151 -4.69 -37.48 13.34
N VAL A 152 -4.09 -37.65 14.52
CA VAL A 152 -4.78 -37.45 15.78
C VAL A 152 -4.24 -36.18 16.39
N LEU A 153 -5.15 -35.26 16.74
CA LEU A 153 -4.81 -34.08 17.51
C LEU A 153 -4.79 -34.43 19.00
N HIS A 154 -3.66 -34.19 19.68
CA HIS A 154 -3.64 -34.24 21.14
C HIS A 154 -3.60 -32.81 21.67
N VAL A 155 -4.36 -32.53 22.72
CA VAL A 155 -4.50 -31.17 23.27
C VAL A 155 -3.86 -31.00 24.66
N ASP A 156 -3.16 -29.88 24.88
CA ASP A 156 -2.58 -29.53 26.16
C ASP A 156 -3.14 -28.23 26.73
N LEU A 157 -3.74 -28.28 27.92
CA LEU A 157 -4.18 -27.05 28.58
C LEU A 157 -3.19 -26.52 29.61
N GLY A 158 -3.14 -25.21 29.74
CA GLY A 158 -2.40 -24.54 30.81
C GLY A 158 -3.15 -23.34 31.32
N HIS A 159 -2.60 -22.61 32.28
CA HIS A 159 -3.23 -21.41 32.80
C HIS A 159 -2.14 -20.53 33.42
N VAL A 160 -1.82 -19.46 32.74
CA VAL A 160 -0.79 -18.54 33.23
C VAL A 160 -1.23 -17.75 34.47
N THR A 161 -2.53 -17.56 34.67
CA THR A 161 -3.03 -16.89 35.88
C THR A 161 -2.45 -17.51 37.17
N ILE A 162 -2.44 -18.85 37.25
CA ILE A 162 -1.95 -19.55 38.45
C ILE A 162 -0.55 -19.07 38.87
N PHE A 163 0.46 -19.29 38.02
CA PHE A 163 1.84 -18.82 38.27
C PHE A 163 1.96 -17.29 38.44
N LYS A 164 1.07 -16.52 37.80
CA LYS A 164 1.03 -15.06 37.98
C LYS A 164 0.63 -14.67 39.39
N ARG A 165 -0.33 -15.38 39.97
CA ARG A 165 -0.81 -15.06 41.32
C ARG A 165 0.16 -15.52 42.41
N LEU A 166 0.83 -16.65 42.19
CA LEU A 166 1.86 -17.10 43.11
C LEU A 166 3.01 -16.09 43.11
N ALA A 167 3.49 -15.72 41.93
CA ALA A 167 4.59 -14.75 41.79
C ALA A 167 4.28 -13.38 42.40
N GLU A 168 3.02 -12.97 42.30
CA GLU A 168 2.55 -11.72 42.93
C GLU A 168 2.44 -11.85 44.46
N LEU A 169 1.79 -12.91 44.93
CA LEU A 169 1.67 -13.19 46.37
C LEU A 169 2.92 -13.86 47.00
N ALA A 170 4.02 -13.96 46.25
CA ALA A 170 5.35 -14.27 46.78
C ALA A 170 6.30 -13.09 46.58
N ALA A 171 5.82 -11.99 46.02
CA ALA A 171 6.64 -10.81 45.72
C ALA A 171 7.95 -11.19 45.02
N LEU A 172 7.83 -11.65 43.78
CA LEU A 172 8.97 -12.20 43.07
C LEU A 172 9.81 -11.22 42.30
N SER A 173 11.12 -11.44 42.35
CA SER A 173 12.08 -10.68 41.58
C SER A 173 11.94 -10.97 40.11
N ALA A 174 12.12 -9.93 39.30
CA ALA A 174 12.13 -10.07 37.83
C ALA A 174 13.01 -11.24 37.40
N SER A 175 14.20 -11.35 38.01
CA SER A 175 15.15 -12.43 37.71
C SER A 175 14.64 -13.81 38.15
N ASP A 176 14.13 -13.89 39.38
CA ASP A 176 13.60 -15.15 39.95
C ASP A 176 12.59 -15.82 39.04
N THR A 177 11.60 -15.03 38.61
CA THR A 177 10.54 -15.54 37.74
C THR A 177 11.20 -16.10 36.47
N GLU A 178 12.02 -15.27 35.81
CA GLU A 178 12.74 -15.68 34.60
C GLU A 178 13.56 -16.99 34.78
N GLN A 179 14.12 -17.18 35.98
CA GLN A 179 14.73 -18.46 36.32
C GLN A 179 13.69 -19.58 36.39
N LEU A 180 12.67 -19.40 37.24
CA LEU A 180 11.58 -20.38 37.35
C LEU A 180 11.03 -20.75 35.98
N MET A 181 10.68 -19.73 35.19
CA MET A 181 10.15 -19.94 33.85
C MET A 181 11.07 -20.78 32.95
N GLN A 182 12.37 -20.46 32.93
CA GLN A 182 13.35 -21.20 32.11
C GLN A 182 13.46 -22.68 32.58
N LEU A 183 13.44 -22.86 33.90
CA LEU A 183 13.46 -24.19 34.50
C LEU A 183 12.20 -24.97 34.10
N TYR A 184 11.04 -24.35 34.27
CA TYR A 184 9.77 -24.94 33.82
C TYR A 184 9.78 -25.32 32.37
N ALA A 185 10.22 -24.40 31.51
CA ALA A 185 10.32 -24.64 30.06
C ALA A 185 11.16 -25.87 29.73
N ASN A 186 12.20 -26.09 30.53
CA ASN A 186 13.06 -27.25 30.37
C ASN A 186 12.61 -28.46 31.22
N LYS A 187 11.53 -28.35 32.00
CA LYS A 187 11.22 -29.27 33.12
C LYS A 187 12.43 -29.90 33.81
N ASN A 188 13.37 -29.03 34.20
CA ASN A 188 14.51 -29.45 34.99
C ASN A 188 14.03 -29.46 36.44
N LEU A 189 13.55 -30.62 36.86
CA LEU A 189 12.92 -30.77 38.18
C LEU A 189 13.91 -30.77 39.33
N PRO A 190 15.03 -31.53 39.21
CA PRO A 190 16.05 -31.53 40.27
C PRO A 190 16.47 -30.11 40.64
N GLU A 191 16.93 -29.35 39.66
CA GLU A 191 17.36 -27.97 39.85
C GLU A 191 16.21 -27.03 40.27
N LEU A 192 14.98 -27.34 39.86
CA LEU A 192 13.81 -26.57 40.30
C LEU A 192 13.57 -26.74 41.79
N LYS A 193 13.61 -27.97 42.28
CA LYS A 193 13.45 -28.24 43.71
C LYS A 193 14.55 -27.52 44.54
N GLN A 194 15.74 -27.41 43.96
CA GLN A 194 16.87 -26.71 44.59
C GLN A 194 16.58 -25.22 44.72
N VAL A 195 16.33 -24.56 43.58
CA VAL A 195 16.09 -23.10 43.54
C VAL A 195 14.83 -22.67 44.33
N CYS A 196 13.88 -23.59 44.48
CA CYS A 196 12.68 -23.34 45.28
C CYS A 196 12.92 -23.42 46.79
N GLN A 197 13.87 -24.22 47.24
CA GLN A 197 14.15 -24.32 48.68
C GLN A 197 14.54 -22.97 49.29
N VAL A 198 15.18 -22.11 48.50
CA VAL A 198 15.50 -20.71 48.91
C VAL A 198 14.38 -19.69 48.65
N LEU A 199 13.70 -19.80 47.50
CA LEU A 199 12.71 -18.78 47.09
C LEU A 199 11.42 -18.83 47.92
N PRO A 200 10.78 -17.65 48.13
CA PRO A 200 9.57 -17.61 48.97
C PRO A 200 8.39 -18.35 48.33
N MET A 201 7.61 -19.03 49.16
CA MET A 201 6.56 -19.97 48.75
C MET A 201 7.04 -21.13 47.87
N GLY A 202 8.35 -21.32 47.76
CA GLY A 202 8.93 -22.20 46.73
C GLY A 202 8.41 -23.62 46.70
N SER A 203 7.84 -24.09 47.80
CA SER A 203 7.03 -25.32 47.81
C SER A 203 5.96 -25.29 46.72
N ASP A 204 5.17 -24.21 46.72
CA ASP A 204 4.11 -24.00 45.73
C ASP A 204 4.60 -24.05 44.28
N PHE A 205 5.68 -23.33 43.99
CA PHE A 205 6.24 -23.26 42.65
C PHE A 205 6.74 -24.64 42.18
N TYR A 206 7.23 -25.47 43.09
CA TYR A 206 7.66 -26.83 42.75
C TYR A 206 6.48 -27.77 42.55
N THR A 207 5.46 -27.63 43.40
CA THR A 207 4.21 -28.38 43.25
C THR A 207 3.54 -28.16 41.88
N LEU A 208 3.66 -26.95 41.32
CA LEU A 208 3.17 -26.66 39.97
C LEU A 208 3.80 -27.62 38.95
N ALA A 209 5.12 -27.62 38.88
CA ALA A 209 5.85 -28.50 37.97
C ALA A 209 5.68 -29.97 38.29
N ARG A 210 5.60 -30.31 39.57
CA ARG A 210 5.58 -31.72 39.98
C ARG A 210 4.19 -32.35 39.91
N PHE A 211 3.16 -31.60 40.30
CA PHE A 211 1.79 -32.11 40.33
C PHE A 211 0.80 -31.24 39.54
N GLY A 212 1.27 -30.69 38.42
CA GLY A 212 0.44 -29.86 37.54
C GLY A 212 -0.53 -30.70 36.75
N HIS A 213 0.03 -31.69 36.05
CA HIS A 213 -0.72 -32.69 35.29
C HIS A 213 -1.98 -33.24 35.99
N ASP A 214 -1.95 -33.33 37.33
CA ASP A 214 -3.10 -33.77 38.10
C ASP A 214 -3.90 -32.54 38.56
N ILE A 215 -4.75 -32.06 37.66
CA ILE A 215 -5.58 -30.87 37.90
C ILE A 215 -6.69 -31.11 38.94
N ALA A 216 -7.16 -32.34 39.07
CA ALA A 216 -8.16 -32.71 40.08
C ALA A 216 -7.73 -32.30 41.49
N ASN A 217 -6.49 -32.65 41.84
CA ASN A 217 -5.97 -32.47 43.19
C ASN A 217 -5.00 -31.30 43.35
N LEU A 218 -4.71 -30.58 42.26
CA LEU A 218 -3.68 -29.52 42.30
C LEU A 218 -3.91 -28.50 43.41
N LEU A 219 -5.13 -28.02 43.57
CA LEU A 219 -5.44 -26.98 44.56
C LEU A 219 -5.18 -27.46 45.99
N GLY A 220 -5.55 -28.71 46.28
CA GLY A 220 -5.28 -29.34 47.58
C GLY A 220 -3.81 -29.42 47.98
N ARG A 221 -2.91 -29.48 46.99
CA ARG A 221 -1.47 -29.53 47.22
C ARG A 221 -0.80 -28.16 47.44
N LEU A 222 -1.54 -27.08 47.23
CA LEU A 222 -0.99 -25.72 47.39
C LEU A 222 -1.16 -25.22 48.82
N SER A 223 -0.44 -24.16 49.15
CA SER A 223 -0.43 -23.55 50.48
C SER A 223 -1.81 -22.99 50.87
N GLU A 224 -1.95 -22.70 52.16
CA GLU A 224 -3.19 -22.13 52.69
C GLU A 224 -3.42 -20.76 52.07
N ASN A 225 -2.36 -19.95 52.03
CA ASN A 225 -2.41 -18.61 51.43
C ASN A 225 -2.92 -18.68 49.99
N ALA A 226 -2.38 -19.61 49.21
CA ALA A 226 -2.81 -19.83 47.83
C ALA A 226 -4.29 -20.24 47.73
N GLN A 227 -4.70 -21.25 48.50
CA GLN A 227 -6.07 -21.81 48.43
C GLN A 227 -7.12 -20.81 48.90
N THR A 230 -7.98 -16.69 45.25
CA THR A 230 -9.18 -16.23 44.54
C THR A 230 -9.09 -16.49 43.02
N LYS A 231 -8.18 -15.78 42.36
CA LYS A 231 -7.98 -15.96 40.92
C LYS A 231 -7.38 -17.35 40.62
N ILE A 232 -6.52 -17.84 41.51
CA ILE A 232 -5.99 -19.22 41.47
C ILE A 232 -7.10 -20.28 41.58
N VAL A 233 -8.09 -20.02 42.43
CA VAL A 233 -9.18 -20.98 42.64
C VAL A 233 -10.09 -21.07 41.40
N THR A 234 -10.37 -19.94 40.75
CA THR A 234 -11.18 -19.96 39.54
C THR A 234 -10.43 -20.72 38.42
N ALA A 235 -9.15 -20.36 38.25
CA ALA A 235 -8.27 -20.95 37.24
C ALA A 235 -8.26 -22.47 37.22
N ILE A 236 -8.19 -23.10 38.40
CA ILE A 236 -8.21 -24.57 38.46
C ILE A 236 -9.58 -25.14 38.06
N ASP A 237 -10.65 -24.39 38.38
CA ASP A 237 -11.99 -24.79 37.95
C ASP A 237 -12.15 -24.68 36.43
N GLU A 238 -11.77 -23.52 35.88
CA GLU A 238 -11.77 -23.30 34.43
C GLU A 238 -11.13 -24.49 33.71
N LEU A 239 -9.86 -24.73 34.03
CA LEU A 239 -9.11 -25.88 33.50
C LEU A 239 -9.85 -27.22 33.57
N GLN A 240 -10.51 -27.47 34.71
CA GLN A 240 -11.27 -28.70 34.88
C GLN A 240 -12.50 -28.78 34.00
N ARG A 241 -13.17 -27.64 33.81
CA ARG A 241 -14.35 -27.58 32.93
C ARG A 241 -13.99 -27.89 31.47
N LEU A 242 -12.95 -27.24 30.96
CA LEU A 242 -12.50 -27.47 29.58
C LEU A 242 -11.97 -28.89 29.39
N LYS A 243 -11.17 -29.41 30.33
CA LYS A 243 -10.71 -30.81 30.29
C LYS A 243 -11.88 -31.77 30.02
N ALA A 244 -12.94 -31.62 30.80
CA ALA A 244 -14.17 -32.42 30.66
C ALA A 244 -14.83 -32.25 29.28
N HIS A 245 -15.20 -31.01 28.97
CA HIS A 245 -15.84 -30.68 27.69
C HIS A 245 -15.14 -31.30 26.47
N LEU A 246 -13.81 -31.29 26.48
CA LEU A 246 -13.04 -31.90 25.40
C LEU A 246 -13.16 -33.42 25.34
N GLN A 247 -13.12 -34.05 26.51
CA GLN A 247 -13.27 -35.51 26.60
C GLN A 247 -14.68 -35.95 26.22
N VAL A 248 -15.67 -35.31 26.82
CA VAL A 248 -17.09 -35.65 26.61
C VAL A 248 -17.54 -35.35 25.17
N GLN A 249 -17.60 -34.06 24.84
CA GLN A 249 -18.19 -33.59 23.59
C GLN A 249 -17.38 -33.94 22.36
N TRP A 250 -16.04 -33.97 22.46
CA TRP A 250 -15.19 -34.32 21.30
C TRP A 250 -14.36 -35.60 21.45
N GLN A 251 -14.43 -36.29 22.60
CA GLN A 251 -13.60 -37.50 22.81
C GLN A 251 -12.12 -37.21 22.56
N CYS A 252 -11.62 -36.20 23.26
CA CYS A 252 -10.26 -35.72 23.09
C CYS A 252 -9.36 -36.10 24.27
N ALA A 253 -8.16 -36.56 23.93
CA ALA A 253 -7.11 -36.84 24.89
C ALA A 253 -6.50 -35.52 25.33
N VAL A 254 -6.78 -35.14 26.58
CA VAL A 254 -6.30 -33.88 27.15
C VAL A 254 -5.17 -34.14 28.16
N SER A 255 -4.15 -33.29 28.16
CA SER A 255 -3.17 -33.24 29.26
C SER A 255 -3.09 -31.82 29.82
N ILE A 256 -2.82 -31.72 31.12
CA ILE A 256 -2.69 -30.43 31.79
C ILE A 256 -1.21 -30.13 31.98
N ASP A 257 -0.85 -28.87 31.81
CA ASP A 257 0.46 -28.38 32.20
C ASP A 257 0.37 -26.89 32.48
N VAL A 258 0.25 -26.55 33.76
CA VAL A 258 0.12 -25.16 34.23
C VAL A 258 1.46 -24.41 34.16
N THR A 259 2.57 -25.13 33.95
CA THR A 259 3.89 -24.55 33.69
C THR A 259 4.16 -24.21 32.21
N GLU A 260 3.18 -24.41 31.34
CA GLU A 260 3.24 -23.85 29.99
C GLU A 260 3.02 -22.34 30.03
N LEU A 261 4.10 -21.59 29.90
CA LEU A 261 4.12 -20.14 30.03
C LEU A 261 4.72 -19.39 28.82
N SER A 262 4.73 -20.04 27.65
CA SER A 262 4.97 -19.33 26.40
C SER A 262 3.90 -18.26 26.26
N GLY A 263 4.32 -17.04 25.95
CA GLY A 263 3.42 -15.89 25.88
C GLY A 263 2.93 -15.42 27.23
N TYR A 264 3.81 -15.48 28.24
CA TYR A 264 3.55 -14.97 29.59
C TYR A 264 3.10 -13.49 29.53
N HIS A 265 3.70 -12.74 28.60
CA HIS A 265 3.36 -11.33 28.41
C HIS A 265 1.90 -11.12 27.91
N TYR A 266 1.50 -11.76 26.81
CA TYR A 266 0.15 -11.51 26.21
C TYR A 266 -1.00 -12.37 26.76
N HIS A 267 -0.73 -13.62 27.17
CA HIS A 267 -1.78 -14.48 27.70
C HIS A 267 -2.22 -14.02 29.09
N THR A 268 -3.50 -13.70 29.23
CA THR A 268 -4.07 -13.26 30.50
C THR A 268 -4.86 -14.38 31.17
N GLY A 269 -4.53 -15.64 30.87
CA GLY A 269 -5.23 -16.76 31.49
C GLY A 269 -5.03 -18.07 30.80
N ILE A 270 -6.13 -18.79 30.57
CA ILE A 270 -6.12 -20.14 29.95
C ILE A 270 -5.31 -20.17 28.66
N VAL A 271 -4.63 -21.29 28.43
CA VAL A 271 -3.94 -21.50 27.17
C VAL A 271 -4.20 -22.89 26.64
N PHE A 272 -4.10 -23.00 25.32
CA PHE A 272 -4.48 -24.16 24.54
C PHE A 272 -3.32 -24.44 23.58
N ASN A 273 -2.92 -25.70 23.47
CA ASN A 273 -1.88 -26.11 22.54
C ASN A 273 -2.23 -27.48 21.98
N GLY A 274 -2.52 -27.54 20.69
CA GLY A 274 -2.88 -28.78 20.00
C GLY A 274 -1.69 -29.31 19.24
N TYR A 275 -1.38 -30.60 19.39
CA TYR A 275 -0.25 -31.22 18.73
C TYR A 275 -0.78 -32.27 17.79
N ILE A 276 -0.27 -32.29 16.58
CA ILE A 276 -0.66 -33.26 15.56
C ILE A 276 0.35 -34.42 15.57
N ASN A 277 -0.16 -35.64 15.77
CA ASN A 277 0.66 -36.84 15.90
C ASN A 277 1.83 -36.62 16.88
N SER A 278 3.08 -36.86 16.48
CA SER A 278 4.21 -36.77 17.40
C SER A 278 5.11 -35.57 17.13
N GLU A 279 4.52 -34.50 16.57
CA GLU A 279 5.29 -33.35 16.13
C GLU A 279 5.49 -32.40 17.30
N THR A 280 6.64 -31.74 17.33
CA THR A 280 7.03 -30.92 18.46
C THR A 280 6.33 -29.57 18.50
N GLN A 281 6.18 -28.93 17.35
CA GLN A 281 5.53 -27.62 17.28
C GLN A 281 4.03 -27.85 17.32
N PRO A 282 3.32 -27.16 18.22
CA PRO A 282 1.87 -27.38 18.23
C PRO A 282 1.26 -26.91 16.91
N LEU A 283 0.30 -27.65 16.40
CA LEU A 283 -0.41 -27.28 15.17
C LEU A 283 -1.33 -26.09 15.44
N VAL A 284 -1.87 -26.03 16.65
CA VAL A 284 -2.82 -25.02 17.07
C VAL A 284 -2.39 -24.38 18.38
N ARG A 285 -2.58 -23.08 18.49
CA ARG A 285 -2.11 -22.28 19.60
C ARG A 285 -3.23 -21.31 19.91
N GLY A 286 -3.91 -21.45 21.03
CA GLY A 286 -4.97 -20.53 21.45
C GLY A 286 -4.83 -20.13 22.90
N GLY A 287 -5.56 -19.09 23.32
CA GLY A 287 -5.56 -18.65 24.72
C GLY A 287 -6.34 -17.38 25.01
N ARG A 288 -6.57 -17.13 26.30
CA ARG A 288 -7.15 -15.87 26.77
C ARG A 288 -6.11 -14.77 26.68
N PHE A 289 -6.50 -13.60 26.15
CA PHE A 289 -5.63 -12.41 26.07
C PHE A 289 -6.46 -11.14 26.37
N ASP A 290 -6.06 -9.96 25.90
CA ASP A 290 -6.71 -8.71 26.30
C ASP A 290 -6.68 -7.61 25.23
N PRO A 302 -11.05 -1.79 28.82
CA PRO A 302 -10.58 -3.05 29.44
C PRO A 302 -11.30 -4.28 28.84
N ARG A 303 -10.94 -4.62 27.60
CA ARG A 303 -11.74 -5.53 26.76
C ARG A 303 -11.33 -7.01 26.73
N GLN A 304 -12.29 -7.86 27.12
CA GLN A 304 -12.09 -9.32 27.10
C GLN A 304 -11.83 -9.84 25.68
N ALA A 305 -11.03 -10.89 25.56
CA ALA A 305 -10.67 -11.48 24.27
C ALA A 305 -10.13 -12.89 24.43
N THR A 306 -10.37 -13.75 23.44
CA THR A 306 -9.87 -15.13 23.43
C THR A 306 -9.97 -15.75 22.03
N GLY A 307 -9.05 -16.65 21.68
CA GLY A 307 -9.02 -17.22 20.34
C GLY A 307 -7.78 -18.00 20.02
N PHE A 308 -7.74 -18.57 18.82
CA PHE A 308 -6.65 -19.46 18.38
C PHE A 308 -6.17 -19.14 16.97
N SER A 309 -5.12 -19.85 16.56
CA SER A 309 -4.60 -19.80 15.20
C SER A 309 -3.83 -21.07 14.87
N MET A 310 -3.56 -21.28 13.59
CA MET A 310 -2.87 -22.48 13.11
C MET A 310 -2.18 -22.16 11.80
N ASP A 311 -1.11 -22.88 11.51
CA ASP A 311 -0.43 -22.79 10.23
C ASP A 311 -1.09 -23.79 9.29
N VAL A 312 -1.84 -23.25 8.32
CA VAL A 312 -2.59 -24.07 7.37
C VAL A 312 -1.63 -25.00 6.64
N SER A 313 -0.44 -24.52 6.31
CA SER A 313 0.53 -25.31 5.57
C SER A 313 0.92 -26.64 6.26
N ARG A 314 0.87 -26.67 7.59
CA ARG A 314 1.17 -27.89 8.31
C ARG A 314 0.08 -28.96 8.24
N LEU A 315 -1.13 -28.59 7.81
CA LEU A 315 -2.18 -29.57 7.54
C LEU A 315 -1.96 -30.38 6.26
N LEU A 316 -1.04 -29.92 5.39
CA LEU A 316 -0.90 -30.47 4.05
C LEU A 316 -0.50 -31.94 4.05
N ALA A 317 0.47 -32.29 4.90
CA ALA A 317 0.90 -33.69 5.06
C ALA A 317 -0.23 -34.63 5.45
N HIS A 318 -1.14 -34.15 6.30
CA HIS A 318 -2.16 -35.02 6.90
C HIS A 318 -3.56 -34.84 6.33
N THR A 319 -3.66 -34.28 5.14
CA THR A 319 -4.95 -34.08 4.47
C THR A 319 -4.77 -34.51 3.03
N GLN A 320 -5.85 -34.98 2.42
CA GLN A 320 -5.78 -35.54 1.07
C GLN A 320 -7.05 -35.23 0.29
N LEU A 321 -6.90 -34.62 -0.88
CA LEU A 321 -8.05 -34.32 -1.71
C LEU A 321 -8.32 -35.47 -2.63
N ASP A 322 -9.53 -35.50 -3.19
CA ASP A 322 -9.86 -36.46 -4.23
C ASP A 322 -8.90 -36.27 -5.38
N ALA A 323 -8.60 -37.35 -6.10
CA ALA A 323 -7.75 -37.25 -7.28
C ALA A 323 -8.46 -36.34 -8.29
N PRO A 324 -7.68 -35.54 -9.04
CA PRO A 324 -8.29 -34.63 -9.99
C PRO A 324 -8.44 -35.27 -11.36
N PHE A 325 -9.44 -34.80 -12.10
CA PHE A 325 -9.65 -35.21 -13.49
C PHE A 325 -8.92 -34.18 -14.35
N ILE A 326 -7.81 -34.60 -14.96
CA ILE A 326 -6.99 -33.75 -15.81
C ILE A 326 -7.18 -34.17 -17.27
N VAL A 327 -7.92 -33.35 -18.02
CA VAL A 327 -8.39 -33.69 -19.36
C VAL A 327 -7.60 -32.97 -20.45
N LEU A 328 -7.25 -33.72 -21.50
CA LEU A 328 -6.65 -33.13 -22.70
C LEU A 328 -7.56 -33.31 -23.91
N ILE A 329 -7.82 -32.21 -24.62
CA ILE A 329 -8.49 -32.26 -25.92
C ILE A 329 -7.47 -32.71 -26.98
N ASP A 330 -7.91 -33.51 -27.96
CA ASP A 330 -7.03 -33.91 -29.06
C ASP A 330 -6.77 -32.73 -29.99
N TYR A 331 -5.49 -32.46 -30.23
CA TYR A 331 -5.06 -31.36 -31.09
C TYR A 331 -5.65 -31.48 -32.49
N ASP A 332 -5.42 -32.64 -33.11
CA ASP A 332 -5.77 -32.87 -34.52
C ASP A 332 -7.27 -32.74 -34.70
N ALA A 333 -8.01 -33.53 -33.93
CA ALA A 333 -9.47 -33.52 -33.98
C ALA A 333 -10.05 -32.11 -33.80
N PHE A 334 -9.48 -31.33 -32.87
CA PHE A 334 -9.96 -29.96 -32.64
C PHE A 334 -9.79 -29.12 -33.91
N ASN A 335 -8.60 -29.15 -34.49
CA ASN A 335 -8.28 -28.30 -35.64
C ASN A 335 -9.09 -28.64 -36.90
N ASN A 336 -9.44 -29.92 -37.07
CA ASN A 336 -10.37 -30.32 -38.14
C ASN A 336 -11.77 -29.70 -38.05
N LEU A 337 -12.20 -29.31 -36.86
CA LEU A 337 -13.50 -28.65 -36.69
C LEU A 337 -13.57 -27.29 -37.40
N ASP A 338 -14.78 -26.93 -37.81
CA ASP A 338 -15.08 -25.59 -38.32
C ASP A 338 -15.58 -24.72 -37.18
N SER A 339 -15.62 -23.42 -37.42
CA SER A 339 -15.99 -22.41 -36.42
C SER A 339 -17.13 -22.86 -35.51
N ALA A 340 -18.26 -23.22 -36.11
CA ALA A 340 -19.47 -23.59 -35.36
C ALA A 340 -19.30 -24.83 -34.48
N GLN A 341 -18.55 -25.82 -34.97
CA GLN A 341 -18.24 -27.02 -34.17
C GLN A 341 -17.32 -26.68 -33.00
N ARG A 342 -16.38 -25.76 -33.23
CA ARG A 342 -15.50 -25.31 -32.16
C ARG A 342 -16.32 -24.67 -31.05
N GLN A 343 -17.23 -23.77 -31.41
CA GLN A 343 -18.14 -23.17 -30.41
C GLN A 343 -18.82 -24.24 -29.56
N LEU A 344 -19.38 -25.25 -30.19
CA LEU A 344 -20.08 -26.32 -29.46
C LEU A 344 -19.15 -27.08 -28.55
N LEU A 345 -17.95 -27.40 -29.03
CA LEU A 345 -16.95 -28.05 -28.19
C LEU A 345 -16.54 -27.18 -27.02
N LEU A 346 -16.37 -25.88 -27.25
CA LEU A 346 -16.00 -24.97 -26.17
C LEU A 346 -17.10 -24.87 -25.10
N GLN A 347 -18.36 -24.78 -25.54
CA GLN A 347 -19.53 -24.83 -24.65
C GLN A 347 -19.57 -26.13 -23.81
N GLN A 348 -19.15 -27.23 -24.40
CA GLN A 348 -19.03 -28.53 -23.72
C GLN A 348 -17.86 -28.53 -22.73
N VAL A 349 -16.73 -28.00 -23.17
CA VAL A 349 -15.53 -27.92 -22.34
C VAL A 349 -15.75 -26.93 -21.21
N ALA A 350 -16.47 -25.84 -21.49
CA ALA A 350 -16.90 -24.88 -20.48
C ALA A 350 -17.69 -25.57 -19.37
N SER A 351 -18.64 -26.42 -19.78
CA SER A 351 -19.46 -27.19 -18.85
C SER A 351 -18.59 -28.07 -17.95
N LEU A 352 -17.65 -28.78 -18.56
CA LEU A 352 -16.72 -29.63 -17.81
C LEU A 352 -15.93 -28.86 -16.76
N ARG A 353 -15.46 -27.67 -17.12
CA ARG A 353 -14.67 -26.85 -16.19
C ARG A 353 -15.46 -26.39 -14.97
N GLN A 354 -16.73 -26.06 -15.20
CA GLN A 354 -17.65 -25.75 -14.13
C GLN A 354 -17.80 -26.94 -13.17
N GLN A 355 -17.93 -28.15 -13.73
CA GLN A 355 -17.94 -29.38 -12.91
C GLN A 355 -16.62 -29.65 -12.17
N GLY A 356 -15.59 -28.88 -12.48
CA GLY A 356 -14.31 -28.93 -11.79
C GLY A 356 -13.23 -29.70 -12.52
N TYR A 357 -13.52 -30.15 -13.75
CA TYR A 357 -12.54 -30.86 -14.56
C TYR A 357 -11.49 -29.89 -15.04
N ARG A 358 -10.26 -30.38 -15.19
CA ARG A 358 -9.13 -29.56 -15.58
C ARG A 358 -8.79 -29.80 -17.03
N VAL A 359 -9.31 -28.94 -17.90
CA VAL A 359 -9.26 -29.19 -19.32
C VAL A 359 -8.27 -28.25 -19.99
N THR A 360 -7.30 -28.86 -20.66
CA THR A 360 -6.24 -28.14 -21.33
C THR A 360 -6.48 -28.12 -22.82
N MET A 361 -6.44 -26.91 -23.39
CA MET A 361 -6.58 -26.70 -24.83
C MET A 361 -5.19 -26.68 -25.49
N PRO A 362 -4.83 -27.77 -26.19
CA PRO A 362 -3.44 -27.94 -26.62
C PRO A 362 -3.00 -26.97 -27.71
N LEU A 363 -1.82 -26.41 -27.51
CA LEU A 363 -1.21 -25.48 -28.46
C LEU A 363 -0.50 -26.22 -29.59
N THR A 364 -0.04 -27.43 -29.29
CA THR A 364 0.69 -28.28 -30.23
C THR A 364 0.34 -29.74 -29.99
N ALA A 365 0.53 -30.57 -31.01
CA ALA A 365 0.35 -32.03 -30.92
C ALA A 365 1.01 -32.67 -29.69
N GLU A 366 2.17 -32.18 -29.30
CA GLU A 366 2.95 -32.73 -28.19
C GLU A 366 2.52 -32.20 -26.82
N ASP A 367 1.80 -31.08 -26.79
CA ASP A 367 1.26 -30.48 -25.55
C ASP A 367 0.55 -31.53 -24.68
N MET A 368 1.16 -31.86 -23.55
CA MET A 368 0.70 -32.92 -22.64
C MET A 368 0.60 -32.37 -21.23
N PRO A 369 -0.61 -32.35 -20.62
CA PRO A 369 -0.69 -31.96 -19.20
C PRO A 369 -0.10 -33.01 -18.26
N VAL A 370 0.40 -32.54 -17.12
CA VAL A 370 0.99 -33.41 -16.13
C VAL A 370 -0.16 -34.08 -15.39
N GLY A 371 -0.04 -35.38 -15.17
CA GLY A 371 -1.06 -36.14 -14.43
C GLY A 371 -2.29 -36.46 -15.25
N LEU A 372 -2.11 -36.49 -16.57
CA LEU A 372 -3.22 -36.66 -17.52
C LEU A 372 -4.06 -37.88 -17.15
N THR A 373 -5.34 -37.66 -16.86
CA THR A 373 -6.24 -38.76 -16.51
C THR A 373 -7.14 -39.19 -17.66
N HIS A 374 -7.59 -38.24 -18.46
CA HIS A 374 -8.55 -38.50 -19.55
C HIS A 374 -8.20 -37.77 -20.84
N ARG A 375 -8.74 -38.27 -21.94
CA ARG A 375 -8.72 -37.55 -23.20
C ARG A 375 -10.15 -37.23 -23.57
N LEU A 376 -10.36 -36.07 -24.18
CA LEU A 376 -11.63 -35.73 -24.78
C LEU A 376 -11.40 -35.88 -26.27
N SER A 377 -11.99 -36.91 -26.86
CA SER A 377 -11.71 -37.29 -28.24
C SER A 377 -12.98 -37.40 -29.07
N LEU A 378 -12.82 -37.15 -30.36
CA LEU A 378 -13.92 -37.11 -31.31
C LEU A 378 -14.15 -38.53 -31.86
N ALA A 379 -15.41 -38.94 -31.93
CA ALA A 379 -15.79 -40.23 -32.53
C ALA A 379 -17.19 -40.12 -33.10
N ASP A 380 -17.32 -40.36 -34.41
CA ASP A 380 -18.60 -40.29 -35.12
C ASP A 380 -19.41 -39.05 -34.70
N ASN A 381 -18.78 -37.89 -34.89
CA ASN A 381 -19.37 -36.58 -34.58
C ASN A 381 -19.89 -36.45 -33.12
N GLN A 382 -19.17 -37.07 -32.17
CA GLN A 382 -19.47 -36.95 -30.74
C GLN A 382 -18.19 -36.91 -29.92
N TRP A 383 -18.05 -35.87 -29.10
CA TRP A 383 -16.92 -35.77 -28.17
C TRP A 383 -17.27 -36.51 -26.88
N ARG A 384 -16.35 -37.35 -26.43
CA ARG A 384 -16.50 -38.07 -25.18
C ARG A 384 -15.21 -38.16 -24.40
N LEU A 385 -15.32 -38.42 -23.10
CA LEU A 385 -14.16 -38.65 -22.27
C LEU A 385 -13.78 -40.12 -22.23
N HIS A 386 -12.50 -40.44 -22.35
CA HIS A 386 -12.01 -41.77 -22.01
C HIS A 386 -10.68 -41.68 -21.27
N ALA A 387 -10.46 -42.58 -20.31
CA ALA A 387 -9.20 -42.65 -19.57
C ALA A 387 -8.07 -43.11 -20.48
N VAL A 388 -6.84 -42.82 -20.07
CA VAL A 388 -5.65 -43.12 -20.88
C VAL A 388 -5.25 -44.60 -20.83
N MET B 2 -3.22 6.07 10.65
CA MET B 2 -2.47 5.07 11.47
C MET B 2 -1.70 4.05 10.63
N LEU B 3 -2.04 3.89 9.35
CA LEU B 3 -1.33 2.93 8.51
C LEU B 3 -0.51 3.65 7.47
N PRO B 4 0.62 3.07 7.06
CA PRO B 4 1.43 3.71 6.03
C PRO B 4 0.67 3.94 4.72
N ASP B 5 1.12 4.90 3.93
CA ASP B 5 0.46 5.23 2.67
C ASP B 5 0.52 4.08 1.70
N GLY B 6 -0.61 3.78 1.09
CA GLY B 6 -0.76 2.63 0.21
C GLY B 6 -0.79 1.33 0.96
N VAL B 7 -1.32 1.38 2.19
CA VAL B 7 -1.49 0.20 3.03
C VAL B 7 -2.82 0.35 3.75
N ALA B 8 -3.73 -0.60 3.52
CA ALA B 8 -5.08 -0.52 4.03
C ALA B 8 -5.58 -1.86 4.53
N ASP B 9 -6.40 -1.82 5.58
CA ASP B 9 -7.18 -2.99 5.94
C ASP B 9 -8.18 -3.26 4.83
N VAL B 10 -8.48 -4.53 4.61
CA VAL B 10 -9.64 -4.93 3.83
C VAL B 10 -10.49 -5.73 4.80
N LEU B 11 -11.68 -5.22 5.13
CA LEU B 11 -12.47 -5.72 6.27
C LEU B 11 -13.89 -6.16 5.94
N PHE B 12 -14.36 -7.14 6.70
CA PHE B 12 -15.76 -7.51 6.71
C PHE B 12 -16.18 -7.91 5.29
N GLU B 13 -17.18 -7.27 4.69
CA GLU B 13 -17.71 -7.74 3.41
C GLU B 13 -16.72 -7.56 2.29
N ASP B 14 -15.91 -6.51 2.32
CA ASP B 14 -14.88 -6.37 1.32
C ASP B 14 -13.90 -7.52 1.42
N ALA B 15 -13.58 -7.92 2.65
CA ALA B 15 -12.66 -9.04 2.90
C ALA B 15 -13.22 -10.35 2.41
N HIS B 16 -14.51 -10.59 2.66
CA HIS B 16 -15.20 -11.77 2.15
C HIS B 16 -15.20 -11.77 0.63
N LYS B 17 -15.48 -10.62 0.03
CA LYS B 17 -15.47 -10.45 -1.43
C LYS B 17 -14.10 -10.78 -2.01
N GLN B 18 -13.05 -10.31 -1.34
CA GLN B 18 -11.69 -10.57 -1.77
C GLN B 18 -11.35 -12.04 -1.74
N GLU B 19 -11.77 -12.72 -0.67
CA GLU B 19 -11.60 -14.17 -0.53
C GLU B 19 -12.28 -14.87 -1.72
N VAL B 20 -13.53 -14.50 -1.98
CA VAL B 20 -14.33 -15.11 -3.03
C VAL B 20 -13.67 -14.95 -4.38
N LEU B 21 -13.25 -13.71 -4.70
CA LEU B 21 -12.63 -13.43 -6.01
C LEU B 21 -11.38 -14.25 -6.14
N ARG B 22 -10.47 -14.03 -5.20
CA ARG B 22 -9.22 -14.75 -5.15
C ARG B 22 -9.41 -16.24 -5.40
N HIS B 23 -10.42 -16.83 -4.75
CA HIS B 23 -10.66 -18.26 -4.87
C HIS B 23 -11.26 -18.65 -6.22
N GLN B 24 -12.31 -17.95 -6.64
CA GLN B 24 -12.96 -18.23 -7.93
C GLN B 24 -11.98 -18.12 -9.09
N LEU B 25 -11.26 -17.01 -9.16
CA LEU B 25 -10.27 -16.77 -10.22
C LEU B 25 -9.16 -17.80 -10.21
N THR B 26 -8.64 -18.10 -9.02
CA THR B 26 -7.64 -19.15 -8.87
C THR B 26 -8.13 -20.49 -9.39
N GLN B 27 -9.35 -20.86 -9.05
CA GLN B 27 -9.87 -22.15 -9.52
C GLN B 27 -10.13 -22.12 -11.02
N GLN B 28 -10.71 -21.04 -11.54
CA GLN B 28 -10.86 -20.88 -12.99
C GLN B 28 -9.58 -21.20 -13.75
N LEU B 29 -8.47 -20.63 -13.27
CA LEU B 29 -7.17 -20.88 -13.89
C LEU B 29 -6.74 -22.34 -13.81
N ILE B 30 -6.98 -22.94 -12.66
CA ILE B 30 -6.68 -24.36 -12.45
C ILE B 30 -7.45 -25.24 -13.43
N THR B 31 -8.71 -24.90 -13.67
CA THR B 31 -9.58 -25.67 -14.58
C THR B 31 -9.22 -25.44 -16.03
N HIS B 32 -8.59 -24.31 -16.35
CA HIS B 32 -7.96 -24.11 -17.67
C HIS B 32 -6.62 -24.82 -17.86
N GLY B 33 -6.12 -25.46 -16.80
CA GLY B 33 -4.99 -26.35 -16.88
C GLY B 33 -3.68 -25.71 -16.49
N TYR B 34 -3.74 -24.64 -15.69
CA TYR B 34 -2.57 -23.94 -15.17
C TYR B 34 -2.25 -24.50 -13.80
N GLN B 35 -1.01 -24.94 -13.58
CA GLN B 35 -0.66 -25.53 -12.31
C GLN B 35 -0.51 -24.40 -11.31
N LEU B 36 -1.18 -24.50 -10.17
CA LEU B 36 -1.03 -23.51 -9.11
C LEU B 36 0.31 -23.70 -8.44
N VAL B 37 1.01 -22.60 -8.20
CA VAL B 37 2.26 -22.63 -7.43
C VAL B 37 2.23 -21.52 -6.41
N SER B 38 2.76 -21.80 -5.24
CA SER B 38 2.65 -20.86 -4.12
C SER B 38 4.02 -20.62 -3.50
N PRO B 39 4.86 -19.81 -4.20
CA PRO B 39 6.19 -19.51 -3.67
C PRO B 39 6.13 -18.61 -2.43
N PRO B 40 7.24 -18.54 -1.67
CA PRO B 40 7.21 -17.86 -0.38
C PRO B 40 7.28 -16.35 -0.52
N MET B 41 6.94 -15.64 0.56
CA MET B 41 7.07 -14.18 0.60
C MET B 41 8.52 -13.67 0.53
N ILE B 42 9.47 -14.46 1.04
CA ILE B 42 10.87 -14.05 1.09
C ILE B 42 11.79 -15.10 0.48
N GLU B 43 12.87 -14.63 -0.14
CA GLU B 43 13.97 -15.46 -0.61
C GLU B 43 15.27 -14.70 -0.38
N PHE B 44 16.40 -15.41 -0.50
CA PHE B 44 17.68 -14.73 -0.64
C PHE B 44 17.61 -13.89 -1.92
N THR B 45 18.26 -12.73 -1.92
CA THR B 45 18.26 -11.83 -3.09
C THR B 45 18.89 -12.44 -4.34
N GLU B 46 19.91 -13.29 -4.14
CA GLU B 46 20.55 -14.03 -5.23
C GLU B 46 19.51 -14.65 -6.17
N SER B 47 18.56 -15.38 -5.59
CA SER B 47 17.46 -15.99 -6.35
C SER B 47 16.33 -15.01 -6.67
N LEU B 48 15.96 -14.16 -5.72
CA LEU B 48 14.78 -13.30 -5.86
C LEU B 48 14.92 -12.25 -6.95
N LEU B 49 16.09 -11.63 -7.01
CA LEU B 49 16.35 -10.53 -7.92
C LEU B 49 17.36 -10.91 -9.01
N SER B 50 17.42 -12.19 -9.37
CA SER B 50 18.19 -12.62 -10.54
C SER B 50 17.49 -12.09 -11.80
N GLY B 51 18.27 -11.52 -12.70
CA GLY B 51 17.73 -10.87 -13.89
C GLY B 51 16.82 -9.68 -13.63
N ALA B 52 16.81 -9.15 -12.41
CA ALA B 52 15.85 -8.10 -12.02
C ALA B 52 16.23 -6.75 -12.64
N SER B 53 15.22 -5.98 -13.01
CA SER B 53 15.42 -4.61 -13.48
C SER B 53 15.86 -3.72 -12.32
N GLU B 54 16.16 -2.46 -12.62
CA GLU B 54 16.52 -1.51 -11.59
C GLU B 54 15.28 -1.03 -10.82
N ASP B 55 14.14 -0.93 -11.50
CA ASP B 55 12.89 -0.58 -10.82
C ASP B 55 12.44 -1.67 -9.87
N LEU B 56 12.67 -2.92 -10.25
CA LEU B 56 12.28 -4.05 -9.42
C LEU B 56 13.16 -4.11 -8.18
N LYS B 57 14.46 -3.97 -8.38
CA LYS B 57 15.39 -3.97 -7.25
C LYS B 57 15.03 -2.88 -6.23
N ARG B 58 14.77 -1.66 -6.70
CA ARG B 58 14.38 -0.55 -5.81
C ARG B 58 13.05 -0.78 -5.10
N GLN B 59 12.09 -1.42 -5.77
CA GLN B 59 10.79 -1.73 -5.14
C GLN B 59 10.82 -2.83 -4.06
N THR B 60 11.89 -3.64 -4.05
CA THR B 60 12.00 -4.81 -3.19
C THR B 60 12.68 -4.51 -1.86
N PHE B 61 11.89 -4.42 -0.78
CA PHE B 61 12.43 -4.30 0.58
C PHE B 61 13.52 -5.33 0.88
N LYS B 62 14.54 -4.94 1.64
CA LYS B 62 15.65 -5.82 2.01
C LYS B 62 15.62 -6.12 3.50
N ILE B 63 15.98 -7.35 3.85
CA ILE B 63 16.07 -7.79 5.24
C ILE B 63 17.21 -8.79 5.37
N ILE B 64 17.64 -9.03 6.61
CA ILE B 64 18.79 -9.90 6.87
C ILE B 64 18.40 -11.24 7.49
N ASP B 65 18.79 -12.32 6.82
CA ASP B 65 18.65 -13.66 7.38
C ASP B 65 19.56 -13.76 8.58
N GLN B 66 18.99 -13.80 9.77
CA GLN B 66 19.80 -13.93 10.99
C GLN B 66 20.55 -15.26 11.10
N LEU B 67 20.10 -16.30 10.39
CA LEU B 67 20.75 -17.61 10.46
C LEU B 67 22.03 -17.72 9.63
N THR B 68 22.14 -16.91 8.58
CA THR B 68 23.31 -16.94 7.69
C THR B 68 23.99 -15.58 7.49
N GLY B 69 23.43 -14.52 8.08
CA GLY B 69 23.90 -13.16 7.82
C GLY B 69 23.74 -12.66 6.40
N ARG B 70 22.98 -13.36 5.56
CA ARG B 70 22.87 -13.01 4.13
C ARG B 70 21.68 -12.10 3.87
N LEU B 71 21.67 -11.50 2.68
CA LEU B 71 20.59 -10.60 2.28
C LEU B 71 19.41 -11.38 1.75
N MET B 72 18.22 -11.06 2.27
CA MET B 72 16.95 -11.55 1.73
C MET B 72 16.10 -10.36 1.27
N GLY B 73 15.00 -10.67 0.58
CA GLY B 73 14.04 -9.64 0.18
C GLY B 73 12.59 -10.08 0.32
N ILE B 74 11.70 -9.12 0.63
CA ILE B 74 10.28 -9.36 0.61
C ILE B 74 9.86 -9.03 -0.81
N ARG B 75 9.45 -10.05 -1.53
CA ARG B 75 9.09 -9.96 -2.96
C ARG B 75 8.16 -8.80 -3.29
N ALA B 76 8.41 -8.20 -4.43
CA ALA B 76 7.58 -7.14 -5.00
C ALA B 76 6.88 -7.59 -6.28
N ASP B 77 7.26 -8.77 -6.80
CA ASP B 77 6.64 -9.38 -7.96
C ASP B 77 6.88 -10.87 -7.87
N ILE B 78 5.89 -11.68 -8.25
CA ILE B 78 5.99 -13.15 -8.19
C ILE B 78 6.58 -13.71 -9.48
N THR B 79 6.41 -12.98 -10.58
CA THR B 79 6.82 -13.42 -11.91
C THR B 79 8.23 -14.05 -11.97
N PRO B 80 9.25 -13.43 -11.34
CA PRO B 80 10.58 -14.07 -11.25
C PRO B 80 10.57 -15.42 -10.53
N GLN B 81 9.74 -15.55 -9.50
CA GLN B 81 9.61 -16.81 -8.78
C GLN B 81 9.08 -17.92 -9.69
N ILE B 82 8.16 -17.57 -10.59
CA ILE B 82 7.62 -18.54 -11.56
C ILE B 82 8.76 -18.98 -12.52
N LEU B 83 9.61 -18.05 -12.94
CA LEU B 83 10.83 -18.39 -13.70
C LEU B 83 11.67 -19.44 -13.02
N ARG B 84 11.97 -19.19 -11.75
CA ARG B 84 12.76 -20.11 -10.94
C ARG B 84 12.11 -21.50 -10.88
N ILE B 85 10.82 -21.53 -10.59
CA ILE B 85 10.05 -22.78 -10.50
C ILE B 85 10.13 -23.54 -11.83
N ASP B 86 9.88 -22.83 -12.93
CA ASP B 86 9.93 -23.43 -14.27
C ASP B 86 11.33 -23.87 -14.68
N ALA B 87 12.34 -23.15 -14.20
CA ALA B 87 13.73 -23.59 -14.41
C ALA B 87 13.97 -24.97 -13.81
N HIS B 88 13.53 -25.17 -12.56
CA HIS B 88 13.71 -26.44 -11.88
C HIS B 88 12.75 -27.49 -12.45
N HIS B 89 11.43 -27.25 -12.40
CA HIS B 89 10.43 -28.30 -12.72
C HIS B 89 9.81 -28.29 -14.14
N GLY B 90 10.09 -27.25 -14.93
CA GLY B 90 9.36 -27.04 -16.20
C GLY B 90 9.67 -27.99 -17.34
N GLY B 91 10.94 -28.36 -17.50
CA GLY B 91 11.37 -29.18 -18.63
C GLY B 91 11.36 -28.40 -19.95
N ASP B 92 11.59 -29.10 -21.06
CA ASP B 92 11.68 -28.44 -22.37
C ASP B 92 10.32 -28.16 -23.00
N GLY B 93 9.30 -28.93 -22.60
CA GLY B 93 7.97 -28.82 -23.17
C GLY B 93 7.20 -27.61 -22.70
N ILE B 94 5.92 -27.56 -23.05
CA ILE B 94 5.04 -26.47 -22.62
C ILE B 94 4.67 -26.68 -21.16
N ALA B 95 4.66 -25.58 -20.41
CA ALA B 95 4.33 -25.58 -18.97
C ALA B 95 3.44 -24.39 -18.66
N ARG B 96 2.46 -24.60 -17.80
CA ARG B 96 1.50 -23.55 -17.46
C ARG B 96 1.48 -23.37 -15.95
N TYR B 97 1.42 -22.11 -15.50
CA TYR B 97 1.42 -21.82 -14.07
C TYR B 97 0.42 -20.71 -13.78
N CYS B 98 -0.21 -20.79 -12.62
CA CYS B 98 -0.98 -19.69 -12.08
C CYS B 98 -0.57 -19.46 -10.64
N TYR B 99 -0.94 -18.30 -10.10
CA TYR B 99 -0.49 -17.89 -8.77
C TYR B 99 -1.33 -16.73 -8.27
N ALA B 100 -1.52 -16.71 -6.97
CA ALA B 100 -2.12 -15.57 -6.30
C ALA B 100 -1.42 -15.47 -4.96
N GLY B 101 -1.01 -14.26 -4.63
CA GLY B 101 -0.20 -14.01 -3.45
C GLY B 101 0.03 -12.54 -3.22
N ASP B 102 0.30 -12.18 -1.97
CA ASP B 102 0.61 -10.80 -1.62
C ASP B 102 2.04 -10.49 -2.03
N VAL B 103 2.23 -9.28 -2.54
CA VAL B 103 3.57 -8.74 -2.77
C VAL B 103 3.65 -7.34 -2.16
N ILE B 104 4.86 -6.92 -1.80
CA ILE B 104 5.11 -5.64 -1.14
C ILE B 104 5.99 -4.74 -2.01
N HIS B 105 5.59 -3.47 -2.14
CA HIS B 105 6.42 -2.43 -2.80
C HIS B 105 6.90 -1.39 -1.78
N THR B 106 8.12 -0.90 -1.98
CA THR B 106 8.68 0.18 -1.16
C THR B 106 7.98 1.50 -1.41
N LEU B 107 7.61 1.75 -2.67
CA LEU B 107 6.94 2.99 -3.09
C LEU B 107 5.70 2.68 -3.94
N PRO B 108 4.67 3.55 -3.86
CA PRO B 108 3.48 3.38 -4.73
C PRO B 108 3.82 3.53 -6.22
N SER B 109 3.09 2.84 -7.10
CA SER B 109 3.27 3.04 -8.56
C SER B 109 2.65 4.33 -9.05
N GLY B 110 1.42 4.56 -8.61
CA GLY B 110 0.58 5.68 -9.09
C GLY B 110 0.07 6.51 -7.93
N LEU B 111 -0.51 7.67 -8.21
CA LEU B 111 -1.00 8.58 -7.17
C LEU B 111 -1.94 7.88 -6.17
N PHE B 112 -1.52 7.84 -4.92
CA PHE B 112 -2.20 7.10 -3.84
C PHE B 112 -2.39 5.60 -4.10
N GLY B 113 -1.51 5.04 -4.95
CA GLY B 113 -1.59 3.63 -5.31
C GLY B 113 -1.16 2.73 -4.16
N SER B 114 -1.59 1.48 -4.23
CA SER B 114 -1.29 0.48 -3.20
C SER B 114 0.16 0.05 -3.22
N ARG B 115 0.68 -0.27 -2.03
CA ARG B 115 1.99 -0.88 -1.86
C ARG B 115 1.91 -2.36 -1.41
N THR B 116 0.71 -2.86 -1.15
CA THR B 116 0.49 -4.25 -0.71
C THR B 116 -0.55 -4.95 -1.60
N PRO B 117 -0.34 -4.92 -2.93
CA PRO B 117 -1.29 -5.57 -3.83
C PRO B 117 -1.32 -7.09 -3.68
N LEU B 118 -2.47 -7.67 -4.06
CA LEU B 118 -2.67 -9.10 -4.08
C LEU B 118 -2.50 -9.57 -5.52
N GLN B 119 -1.27 -9.95 -5.87
CA GLN B 119 -0.92 -10.22 -7.25
C GLN B 119 -1.41 -11.59 -7.68
N LEU B 120 -2.27 -11.60 -8.69
CA LEU B 120 -2.77 -12.83 -9.28
C LEU B 120 -2.39 -12.85 -10.76
N GLY B 121 -1.93 -13.99 -11.26
CA GLY B 121 -1.57 -14.09 -12.67
C GLY B 121 -1.31 -15.49 -13.19
N ALA B 122 -1.18 -15.58 -14.51
CA ALA B 122 -0.92 -16.84 -15.19
C ALA B 122 0.20 -16.68 -16.18
N GLU B 123 0.81 -17.80 -16.56
CA GLU B 123 1.93 -17.78 -17.50
C GLU B 123 2.07 -19.08 -18.29
N ILE B 124 2.47 -18.95 -19.56
CA ILE B 124 2.74 -20.11 -20.42
C ILE B 124 4.20 -20.03 -20.87
N PHE B 125 4.95 -21.09 -20.59
CA PHE B 125 6.33 -21.20 -21.02
C PHE B 125 6.41 -22.27 -22.11
N GLY B 126 7.42 -22.16 -22.98
CA GLY B 126 7.76 -23.20 -23.93
C GLY B 126 6.95 -23.25 -25.22
N CYS B 127 6.31 -22.15 -25.59
CA CYS B 127 5.59 -22.06 -26.84
C CYS B 127 5.90 -20.75 -27.53
N GLU B 128 6.44 -20.82 -28.75
CA GLU B 128 6.80 -19.63 -29.55
C GLU B 128 5.54 -19.04 -30.18
N SER B 129 4.61 -19.91 -30.57
CA SER B 129 3.42 -19.52 -31.32
C SER B 129 2.57 -18.48 -30.62
N ILE B 130 2.04 -17.55 -31.42
CA ILE B 130 0.99 -16.60 -31.04
C ILE B 130 -0.25 -17.29 -30.44
N ALA B 131 -0.44 -18.58 -30.72
CA ALA B 131 -1.52 -19.36 -30.12
C ALA B 131 -1.49 -19.40 -28.57
N ALA B 132 -0.30 -19.37 -27.98
CA ALA B 132 -0.16 -19.27 -26.51
C ALA B 132 -0.66 -17.92 -25.98
N ASP B 133 -0.37 -16.84 -26.70
CA ASP B 133 -0.88 -15.53 -26.32
C ASP B 133 -2.41 -15.45 -26.46
N ILE B 134 -2.97 -16.22 -27.38
CA ILE B 134 -4.42 -16.25 -27.57
C ILE B 134 -5.06 -17.05 -26.42
N GLU B 135 -4.40 -18.10 -25.96
CA GLU B 135 -4.92 -18.89 -24.85
C GLU B 135 -5.08 -18.02 -23.62
N LEU B 136 -4.00 -17.36 -23.23
CA LEU B 136 -4.01 -16.41 -22.09
C LEU B 136 -5.06 -15.32 -22.22
N ILE B 137 -5.25 -14.80 -23.42
CA ILE B 137 -6.31 -13.83 -23.70
C ILE B 137 -7.68 -14.44 -23.43
N ASP B 138 -7.87 -15.71 -23.82
CA ASP B 138 -9.12 -16.43 -23.55
C ASP B 138 -9.29 -16.70 -22.07
N VAL B 139 -8.25 -17.23 -21.45
CA VAL B 139 -8.25 -17.50 -20.00
C VAL B 139 -8.58 -16.24 -19.22
N LEU B 140 -7.90 -15.15 -19.57
CA LEU B 140 -8.14 -13.85 -18.93
C LEU B 140 -9.59 -13.42 -19.07
N PHE B 141 -10.09 -13.42 -20.29
CA PHE B 141 -11.44 -12.91 -20.55
C PHE B 141 -12.55 -13.80 -20.02
N SER B 142 -12.30 -15.10 -19.84
CA SER B 142 -13.22 -15.96 -19.08
C SER B 142 -13.33 -15.46 -17.66
N MET B 143 -12.16 -15.16 -17.07
CA MET B 143 -12.07 -14.66 -15.72
C MET B 143 -12.82 -13.35 -15.54
N ILE B 144 -12.54 -12.39 -16.40
CA ILE B 144 -13.18 -11.06 -16.35
C ILE B 144 -14.70 -11.18 -16.53
N ASN B 145 -15.13 -11.98 -17.50
CA ASN B 145 -16.57 -12.16 -17.76
C ASN B 145 -17.32 -12.81 -16.60
N SER B 146 -16.64 -13.70 -15.87
CA SER B 146 -17.21 -14.32 -14.67
C SER B 146 -17.52 -13.33 -13.55
N LEU B 147 -16.86 -12.18 -13.53
CA LEU B 147 -17.02 -11.19 -12.46
C LEU B 147 -18.34 -10.38 -12.51
N ASP B 148 -19.05 -10.39 -13.64
CA ASP B 148 -20.30 -9.62 -13.81
C ASP B 148 -20.15 -8.17 -13.37
N MET B 149 -19.24 -7.48 -14.03
CA MET B 149 -18.99 -6.08 -13.73
C MET B 149 -19.77 -5.21 -14.71
N SER B 150 -20.27 -4.09 -14.22
CA SER B 150 -20.74 -2.99 -15.06
C SER B 150 -19.53 -2.28 -15.66
N ALA B 151 -18.40 -2.33 -14.94
CA ALA B 151 -17.14 -1.76 -15.39
C ALA B 151 -16.71 -2.34 -16.72
N VAL B 152 -16.15 -1.48 -17.56
CA VAL B 152 -15.73 -1.83 -18.90
C VAL B 152 -14.21 -1.91 -18.91
N LEU B 153 -13.67 -3.05 -19.34
CA LEU B 153 -12.24 -3.21 -19.52
C LEU B 153 -11.90 -2.71 -20.94
N HIS B 154 -10.99 -1.74 -21.04
CA HIS B 154 -10.46 -1.34 -22.33
C HIS B 154 -9.05 -1.86 -22.45
N VAL B 155 -8.72 -2.45 -23.60
CA VAL B 155 -7.42 -3.11 -23.80
C VAL B 155 -6.53 -2.36 -24.80
N ASP B 156 -5.24 -2.24 -24.45
CA ASP B 156 -4.25 -1.61 -25.32
C ASP B 156 -3.15 -2.58 -25.72
N LEU B 157 -3.02 -2.83 -27.02
CA LEU B 157 -1.92 -3.68 -27.49
C LEU B 157 -0.73 -2.86 -27.97
N GLY B 158 0.46 -3.40 -27.75
CA GLY B 158 1.69 -2.85 -28.30
C GLY B 158 2.60 -3.98 -28.74
N HIS B 159 3.77 -3.60 -29.23
CA HIS B 159 4.79 -4.55 -29.61
C HIS B 159 6.12 -3.84 -29.55
N VAL B 160 6.94 -4.18 -28.57
CA VAL B 160 8.26 -3.58 -28.44
C VAL B 160 9.22 -4.01 -29.54
N THR B 161 9.01 -5.20 -30.13
CA THR B 161 9.85 -5.66 -31.24
C THR B 161 9.92 -4.64 -32.37
N ILE B 162 8.78 -4.05 -32.74
CA ILE B 162 8.74 -3.06 -33.84
C ILE B 162 9.80 -1.96 -33.68
N PHE B 163 9.67 -1.15 -32.62
CA PHE B 163 10.66 -0.09 -32.31
C PHE B 163 12.10 -0.60 -32.08
N LYS B 164 12.23 -1.84 -31.60
CA LYS B 164 13.56 -2.47 -31.45
C LYS B 164 14.23 -2.72 -32.79
N ARG B 165 13.46 -3.13 -33.80
CA ARG B 165 14.01 -3.43 -35.11
C ARG B 165 14.31 -2.16 -35.91
N LEU B 166 13.51 -1.13 -35.75
CA LEU B 166 13.81 0.15 -36.37
C LEU B 166 15.08 0.71 -35.79
N ALA B 167 15.19 0.73 -34.46
CA ALA B 167 16.39 1.23 -33.77
C ALA B 167 17.67 0.47 -34.16
N GLU B 168 17.54 -0.83 -34.38
CA GLU B 168 18.65 -1.66 -34.84
C GLU B 168 19.00 -1.39 -36.32
N LEU B 169 17.99 -1.40 -37.19
CA LEU B 169 18.18 -1.08 -38.62
C LEU B 169 18.51 0.40 -38.92
N ALA B 170 18.35 1.27 -37.92
CA ALA B 170 18.73 2.68 -38.05
C ALA B 170 19.99 3.00 -37.26
N ALA B 171 20.61 1.98 -36.67
CA ALA B 171 21.83 2.13 -35.88
C ALA B 171 21.74 3.28 -34.88
N LEU B 172 20.86 3.12 -33.89
CA LEU B 172 20.56 4.22 -32.96
C LEU B 172 21.49 4.24 -31.76
N SER B 173 21.89 5.46 -31.37
CA SER B 173 22.73 5.64 -30.20
C SER B 173 21.86 5.50 -28.96
N ALA B 174 22.45 4.93 -27.91
CA ALA B 174 21.78 4.75 -26.63
C ALA B 174 20.99 5.99 -26.20
N SER B 175 21.60 7.17 -26.34
CA SER B 175 20.93 8.45 -25.99
C SER B 175 19.75 8.79 -26.91
N ASP B 176 19.94 8.64 -28.22
CA ASP B 176 18.88 8.90 -29.22
C ASP B 176 17.60 8.14 -28.93
N THR B 177 17.75 6.84 -28.71
CA THR B 177 16.67 5.95 -28.33
C THR B 177 15.95 6.52 -27.10
N GLU B 178 16.71 6.72 -26.03
CA GLU B 178 16.18 7.29 -24.79
C GLU B 178 15.43 8.62 -24.99
N GLN B 179 15.88 9.44 -25.94
CA GLN B 179 15.14 10.63 -26.35
C GLN B 179 13.83 10.22 -27.03
N LEU B 180 13.90 9.42 -28.10
CA LEU B 180 12.70 8.94 -28.79
C LEU B 180 11.68 8.35 -27.81
N MET B 181 12.16 7.45 -26.96
CA MET B 181 11.31 6.79 -25.96
C MET B 181 10.61 7.80 -25.04
N GLN B 182 11.36 8.75 -24.51
CA GLN B 182 10.80 9.79 -23.61
C GLN B 182 9.79 10.68 -24.33
N LEU B 183 10.07 10.99 -25.59
CA LEU B 183 9.16 11.75 -26.43
C LEU B 183 7.87 10.97 -26.65
N TYR B 184 7.99 9.70 -27.05
CA TYR B 184 6.83 8.82 -27.18
C TYR B 184 6.00 8.75 -25.91
N ALA B 185 6.66 8.52 -24.79
CA ALA B 185 6.01 8.45 -23.47
C ALA B 185 5.19 9.71 -23.16
N ASN B 186 5.71 10.85 -23.59
CA ASN B 186 5.05 12.13 -23.40
C ASN B 186 4.19 12.56 -24.59
N LYS B 187 4.06 11.70 -25.61
CA LYS B 187 3.44 12.07 -26.90
C LYS B 187 3.71 13.51 -27.38
N ASN B 188 4.96 13.92 -27.34
CA ASN B 188 5.37 15.15 -27.98
C ASN B 188 5.61 14.77 -29.45
N LEU B 189 4.55 14.93 -30.26
CA LEU B 189 4.64 14.77 -31.70
C LEU B 189 5.39 15.89 -32.40
N PRO B 190 5.12 17.16 -32.04
CA PRO B 190 5.86 18.28 -32.65
C PRO B 190 7.37 18.07 -32.56
N GLU B 191 7.87 17.89 -31.35
CA GLU B 191 9.32 17.70 -31.14
C GLU B 191 9.83 16.36 -31.71
N LEU B 192 8.95 15.35 -31.81
CA LEU B 192 9.32 14.10 -32.46
C LEU B 192 9.57 14.30 -33.95
N LYS B 193 8.68 14.99 -34.63
CA LYS B 193 8.85 15.28 -36.06
C LYS B 193 10.15 16.08 -36.31
N GLN B 194 10.50 16.94 -35.35
CA GLN B 194 11.75 17.73 -35.43
C GLN B 194 12.98 16.82 -35.36
N VAL B 195 13.09 16.07 -34.25
CA VAL B 195 14.27 15.18 -34.00
C VAL B 195 14.41 14.07 -35.05
N CYS B 196 13.30 13.71 -35.69
CA CYS B 196 13.32 12.72 -36.76
C CYS B 196 13.81 13.24 -38.10
N GLN B 197 13.62 14.53 -38.38
CA GLN B 197 14.09 15.11 -39.64
C GLN B 197 15.61 14.94 -39.83
N VAL B 198 16.36 14.95 -38.70
CA VAL B 198 17.81 14.70 -38.70
C VAL B 198 18.20 13.20 -38.61
N LEU B 199 17.48 12.42 -37.80
CA LEU B 199 17.85 11.03 -37.51
C LEU B 199 17.66 10.10 -38.71
N PRO B 200 18.52 9.07 -38.85
CA PRO B 200 18.36 8.10 -39.94
C PRO B 200 17.09 7.27 -39.79
N MET B 201 16.43 6.99 -40.90
CA MET B 201 15.08 6.38 -40.96
C MET B 201 14.00 7.16 -40.20
N GLY B 202 14.28 8.41 -39.83
CA GLY B 202 13.44 9.16 -38.90
C GLY B 202 11.97 9.29 -39.31
N SER B 203 11.72 9.17 -40.62
CA SER B 203 10.37 8.98 -41.16
C SER B 203 9.63 7.85 -40.42
N ASP B 204 10.27 6.69 -40.33
CA ASP B 204 9.71 5.51 -39.67
C ASP B 204 9.37 5.75 -38.20
N PHE B 205 10.27 6.35 -37.45
CA PHE B 205 10.02 6.63 -36.03
C PHE B 205 8.86 7.61 -35.81
N TYR B 206 8.67 8.53 -36.75
CA TYR B 206 7.52 9.46 -36.70
C TYR B 206 6.21 8.75 -37.09
N THR B 207 6.28 7.90 -38.13
CA THR B 207 5.13 7.10 -38.55
C THR B 207 4.60 6.22 -37.41
N LEU B 208 5.48 5.71 -36.55
CA LEU B 208 5.05 4.92 -35.37
C LEU B 208 4.09 5.73 -34.51
N ALA B 209 4.55 6.88 -34.05
CA ALA B 209 3.74 7.75 -33.22
C ALA B 209 2.52 8.32 -33.94
N ARG B 210 2.65 8.61 -35.24
CA ARG B 210 1.58 9.27 -35.98
C ARG B 210 0.53 8.30 -36.49
N PHE B 211 0.93 7.14 -36.97
CA PHE B 211 0.01 6.18 -37.58
C PHE B 211 0.12 4.77 -36.97
N GLY B 212 0.40 4.71 -35.67
CA GLY B 212 0.56 3.44 -34.96
C GLY B 212 -0.80 2.80 -34.71
N HIS B 213 -1.69 3.59 -34.10
CA HIS B 213 -3.09 3.22 -33.87
C HIS B 213 -3.78 2.50 -35.04
N ASP B 214 -3.40 2.82 -36.27
CA ASP B 214 -3.92 2.15 -37.46
C ASP B 214 -2.98 1.01 -37.86
N ILE B 215 -3.16 -0.13 -37.20
CA ILE B 215 -2.32 -1.32 -37.43
C ILE B 215 -2.55 -1.97 -38.81
N ALA B 216 -3.75 -1.83 -39.36
CA ALA B 216 -4.08 -2.34 -40.69
C ALA B 216 -3.11 -1.83 -41.76
N ASN B 217 -2.87 -0.52 -41.76
CA ASN B 217 -2.06 0.15 -42.78
C ASN B 217 -0.65 0.50 -42.34
N LEU B 218 -0.28 0.25 -41.09
CA LEU B 218 1.01 0.66 -40.56
C LEU B 218 2.19 0.18 -41.41
N LEU B 219 2.19 -1.09 -41.82
CA LEU B 219 3.32 -1.65 -42.59
C LEU B 219 3.50 -0.95 -43.93
N GLY B 220 2.39 -0.67 -44.60
CA GLY B 220 2.39 0.08 -45.87
C GLY B 220 2.99 1.48 -45.81
N ARG B 221 2.91 2.12 -44.64
CA ARG B 221 3.49 3.45 -44.41
C ARG B 221 4.99 3.47 -44.09
N LEU B 222 5.59 2.31 -43.86
CA LEU B 222 6.98 2.22 -43.43
C LEU B 222 7.91 2.11 -44.63
N SER B 223 9.19 2.37 -44.39
CA SER B 223 10.22 2.35 -45.42
C SER B 223 10.40 0.97 -46.05
N GLU B 224 11.09 0.93 -47.19
CA GLU B 224 11.38 -0.33 -47.88
C GLU B 224 12.24 -1.22 -46.99
N ASN B 225 13.29 -0.63 -46.41
CA ASN B 225 14.17 -1.35 -45.48
C ASN B 225 13.38 -2.03 -44.36
N ALA B 226 12.47 -1.27 -43.75
CA ALA B 226 11.59 -1.80 -42.70
C ALA B 226 10.69 -2.94 -43.20
N GLN B 227 9.89 -2.67 -44.24
CA GLN B 227 8.96 -3.66 -44.81
C GLN B 227 9.62 -4.98 -45.25
N GLN B 228 10.87 -4.90 -45.73
CA GLN B 228 11.68 -6.10 -46.05
C GLN B 228 11.90 -7.02 -44.85
N ASP B 229 12.34 -6.42 -43.74
CA ASP B 229 12.68 -7.12 -42.49
C ASP B 229 11.54 -7.97 -41.96
N THR B 230 11.82 -9.21 -41.60
CA THR B 230 10.79 -10.16 -41.23
C THR B 230 10.31 -9.93 -39.80
N LYS B 231 11.17 -9.46 -38.91
CA LYS B 231 10.81 -9.31 -37.51
C LYS B 231 9.77 -8.20 -37.33
N ILE B 232 9.89 -7.11 -38.12
CA ILE B 232 8.85 -6.05 -38.15
C ILE B 232 7.56 -6.55 -38.76
N VAL B 233 7.66 -7.33 -39.84
CA VAL B 233 6.47 -7.84 -40.54
C VAL B 233 5.71 -8.85 -39.69
N THR B 234 6.43 -9.72 -38.97
CA THR B 234 5.78 -10.70 -38.10
C THR B 234 5.08 -9.97 -36.96
N ALA B 235 5.79 -9.02 -36.31
CA ALA B 235 5.22 -8.20 -35.23
C ALA B 235 3.89 -7.53 -35.58
N ILE B 236 3.81 -6.94 -36.76
CA ILE B 236 2.59 -6.31 -37.25
C ILE B 236 1.49 -7.33 -37.52
N ASP B 237 1.86 -8.54 -37.96
CA ASP B 237 0.88 -9.63 -38.13
C ASP B 237 0.33 -10.08 -36.78
N GLU B 238 1.24 -10.36 -35.83
CA GLU B 238 0.87 -10.76 -34.46
C GLU B 238 -0.17 -9.79 -33.91
N LEU B 239 0.21 -8.51 -33.85
CA LEU B 239 -0.70 -7.44 -33.41
C LEU B 239 -2.06 -7.46 -34.08
N GLN B 240 -2.09 -7.69 -35.38
CA GLN B 240 -3.33 -7.76 -36.15
C GLN B 240 -4.19 -8.97 -35.77
N ARG B 241 -3.54 -10.11 -35.53
CA ARG B 241 -4.26 -11.33 -35.13
C ARG B 241 -4.95 -11.15 -33.79
N LEU B 242 -4.21 -10.66 -32.79
CA LEU B 242 -4.78 -10.43 -31.46
C LEU B 242 -5.86 -9.35 -31.47
N LYS B 243 -5.64 -8.24 -32.17
CA LYS B 243 -6.67 -7.18 -32.33
C LYS B 243 -8.00 -7.79 -32.73
N ALA B 244 -7.97 -8.60 -33.79
CA ALA B 244 -9.16 -9.29 -34.32
C ALA B 244 -9.79 -10.21 -33.28
N HIS B 245 -9.01 -11.19 -32.84
CA HIS B 245 -9.45 -12.17 -31.85
C HIS B 245 -10.16 -11.58 -30.65
N LEU B 246 -9.66 -10.45 -30.14
CA LEU B 246 -10.30 -9.75 -29.03
C LEU B 246 -11.65 -9.16 -29.39
N GLN B 247 -11.74 -8.54 -30.56
CA GLN B 247 -12.99 -7.96 -31.06
C GLN B 247 -14.03 -9.04 -31.35
N VAL B 248 -13.62 -10.05 -32.13
CA VAL B 248 -14.51 -11.13 -32.58
C VAL B 248 -14.96 -12.02 -31.42
N GLN B 249 -14.00 -12.77 -30.86
CA GLN B 249 -14.28 -13.80 -29.88
C GLN B 249 -14.77 -13.24 -28.53
N TRP B 250 -14.28 -12.07 -28.12
CA TRP B 250 -14.70 -11.48 -26.84
C TRP B 250 -15.43 -10.14 -26.93
N GLN B 251 -15.60 -9.57 -28.11
CA GLN B 251 -16.26 -8.25 -28.24
C GLN B 251 -15.56 -7.21 -27.35
N CYS B 252 -14.25 -7.07 -27.57
CA CYS B 252 -13.42 -6.15 -26.81
C CYS B 252 -13.02 -4.93 -27.63
N ALA B 253 -13.12 -3.76 -26.98
CA ALA B 253 -12.64 -2.50 -27.55
C ALA B 253 -11.11 -2.47 -27.43
N VAL B 254 -10.44 -2.63 -28.56
CA VAL B 254 -8.97 -2.68 -28.60
C VAL B 254 -8.41 -1.38 -29.21
N SER B 255 -7.34 -0.86 -28.63
CA SER B 255 -6.54 0.18 -29.31
C SER B 255 -5.08 -0.26 -29.43
N ILE B 256 -4.44 0.15 -30.52
CA ILE B 256 -3.05 -0.19 -30.76
C ILE B 256 -2.18 0.99 -30.37
N ASP B 257 -1.04 0.68 -29.77
CA ASP B 257 -0.02 1.67 -29.52
C ASP B 257 1.34 0.99 -29.49
N VAL B 258 1.99 1.04 -30.65
CA VAL B 258 3.32 0.46 -30.86
C VAL B 258 4.43 1.30 -30.20
N THR B 259 4.12 2.52 -29.78
CA THR B 259 5.02 3.36 -28.98
C THR B 259 4.96 3.09 -27.46
N GLU B 260 4.15 2.13 -27.03
CA GLU B 260 4.10 1.76 -25.61
C GLU B 260 5.30 0.86 -25.33
N LEU B 261 6.30 1.44 -24.66
CA LEU B 261 7.59 0.78 -24.41
C LEU B 261 7.97 0.74 -22.92
N SER B 262 6.98 0.83 -22.02
CA SER B 262 7.20 0.47 -20.62
C SER B 262 7.68 -0.97 -20.58
N GLY B 263 8.76 -1.22 -19.84
CA GLY B 263 9.37 -2.54 -19.79
C GLY B 263 10.11 -2.92 -21.06
N TYR B 264 10.74 -1.93 -21.69
CA TYR B 264 11.58 -2.13 -22.89
C TYR B 264 12.67 -3.18 -22.62
N HIS B 265 13.18 -3.17 -21.40
CA HIS B 265 14.19 -4.15 -20.96
C HIS B 265 13.66 -5.61 -20.91
N TYR B 266 12.55 -5.88 -20.21
CA TYR B 266 12.07 -7.27 -20.02
C TYR B 266 11.10 -7.81 -21.10
N HIS B 267 10.30 -6.94 -21.71
CA HIS B 267 9.37 -7.38 -22.76
C HIS B 267 10.12 -7.71 -24.04
N THR B 268 10.00 -8.96 -24.49
CA THR B 268 10.65 -9.41 -25.72
C THR B 268 9.67 -9.45 -26.88
N GLY B 269 8.60 -8.66 -26.83
CA GLY B 269 7.64 -8.64 -27.93
C GLY B 269 6.31 -8.01 -27.57
N ILE B 270 5.24 -8.70 -27.92
CA ILE B 270 3.85 -8.24 -27.70
C ILE B 270 3.62 -7.78 -26.27
N VAL B 271 2.79 -6.75 -26.11
CA VAL B 271 2.39 -6.33 -24.77
C VAL B 271 0.89 -6.04 -24.73
N PHE B 272 0.37 -6.21 -23.53
CA PHE B 272 -1.05 -6.15 -23.25
C PHE B 272 -1.22 -5.26 -22.02
N ASN B 273 -2.16 -4.32 -22.09
CA ASN B 273 -2.46 -3.46 -20.97
C ASN B 273 -3.97 -3.22 -20.93
N GLY B 274 -4.61 -3.73 -19.89
CA GLY B 274 -6.06 -3.59 -19.72
C GLY B 274 -6.35 -2.52 -18.69
N TYR B 275 -7.25 -1.60 -19.03
CA TYR B 275 -7.59 -0.50 -18.15
C TYR B 275 -9.05 -0.64 -17.79
N ILE B 276 -9.36 -0.49 -16.51
CA ILE B 276 -10.73 -0.59 -16.00
C ILE B 276 -11.31 0.83 -15.89
N ASN B 277 -12.43 1.05 -16.58
CA ASN B 277 -13.04 2.38 -16.71
C ASN B 277 -11.97 3.45 -17.04
N SER B 278 -11.85 4.53 -16.28
CA SER B 278 -10.92 5.60 -16.64
C SER B 278 -9.75 5.70 -15.67
N GLU B 279 -9.34 4.55 -15.15
CA GLU B 279 -8.25 4.48 -14.17
C GLU B 279 -6.92 4.46 -14.91
N THR B 280 -5.92 5.11 -14.32
CA THR B 280 -4.64 5.33 -14.99
C THR B 280 -3.74 4.11 -14.94
N GLN B 281 -3.71 3.41 -13.81
CA GLN B 281 -2.92 2.20 -13.67
C GLN B 281 -3.66 1.07 -14.33
N PRO B 282 -3.01 0.34 -15.27
CA PRO B 282 -3.75 -0.75 -15.90
C PRO B 282 -4.10 -1.79 -14.86
N LEU B 283 -5.30 -2.36 -14.98
CA LEU B 283 -5.73 -3.42 -14.08
C LEU B 283 -4.98 -4.70 -14.38
N VAL B 284 -4.68 -4.90 -15.66
CA VAL B 284 -3.97 -6.09 -16.13
C VAL B 284 -2.78 -5.67 -16.98
N ARG B 285 -1.68 -6.39 -16.78
CA ARG B 285 -0.44 -6.14 -17.47
C ARG B 285 0.08 -7.50 -17.90
N GLY B 286 0.11 -7.74 -19.20
CA GLY B 286 0.65 -8.99 -19.74
C GLY B 286 1.59 -8.71 -20.90
N GLY B 287 2.34 -9.73 -21.32
CA GLY B 287 3.25 -9.60 -22.44
C GLY B 287 4.25 -10.73 -22.63
N ARG B 288 4.91 -10.73 -23.78
CA ARG B 288 5.96 -11.69 -24.07
C ARG B 288 7.22 -11.29 -23.32
N PHE B 289 7.87 -12.26 -22.67
CA PHE B 289 9.14 -12.02 -21.97
C PHE B 289 10.08 -13.24 -22.18
N ASP B 290 11.03 -13.48 -21.27
CA ASP B 290 12.03 -14.53 -21.50
C ASP B 290 12.47 -15.43 -20.29
N GLY B 291 12.29 -16.75 -20.45
CA GLY B 291 12.85 -17.74 -19.55
C GLY B 291 14.32 -18.02 -19.81
N PRO B 302 17.33 -21.21 -23.37
CA PRO B 302 16.75 -20.09 -24.12
C PRO B 302 15.22 -20.19 -24.23
N ARG B 303 14.53 -19.95 -23.11
CA ARG B 303 13.13 -20.41 -22.92
C ARG B 303 12.03 -19.37 -23.17
N GLN B 304 11.15 -19.67 -24.13
CA GLN B 304 9.97 -18.86 -24.42
C GLN B 304 9.04 -18.74 -23.20
N ALA B 305 8.41 -17.58 -23.06
CA ALA B 305 7.51 -17.32 -21.94
C ALA B 305 6.59 -16.13 -22.25
N THR B 306 5.38 -16.19 -21.69
CA THR B 306 4.35 -15.15 -21.90
C THR B 306 3.25 -15.28 -20.84
N GLY B 307 2.68 -14.16 -20.43
CA GLY B 307 1.71 -14.21 -19.33
C GLY B 307 1.38 -12.84 -18.77
N PHE B 308 0.43 -12.84 -17.85
CA PHE B 308 -0.12 -11.62 -17.28
C PHE B 308 -0.26 -11.70 -15.76
N SER B 309 -0.65 -10.56 -15.18
CA SER B 309 -0.96 -10.48 -13.75
C SER B 309 -1.90 -9.31 -13.49
N MET B 310 -2.50 -9.31 -12.31
CA MET B 310 -3.45 -8.27 -11.91
C MET B 310 -3.44 -8.16 -10.40
N ASP B 311 -3.80 -6.98 -9.89
CA ASP B 311 -4.01 -6.81 -8.44
C ASP B 311 -5.47 -7.11 -8.17
N VAL B 312 -5.72 -8.24 -7.54
CA VAL B 312 -7.09 -8.69 -7.26
C VAL B 312 -7.83 -7.64 -6.46
N SER B 313 -7.14 -6.97 -5.53
CA SER B 313 -7.77 -5.96 -4.70
C SER B 313 -8.41 -4.80 -5.47
N ARG B 314 -7.89 -4.48 -6.64
CA ARG B 314 -8.50 -3.45 -7.47
C ARG B 314 -9.82 -3.86 -8.14
N LEU B 315 -10.12 -5.16 -8.20
CA LEU B 315 -11.43 -5.62 -8.64
C LEU B 315 -12.54 -5.40 -7.62
N LEU B 316 -12.19 -5.09 -6.36
CA LEU B 316 -13.17 -5.01 -5.28
C LEU B 316 -14.19 -3.90 -5.51
N ALA B 317 -13.73 -2.74 -5.96
CA ALA B 317 -14.64 -1.62 -6.27
C ALA B 317 -15.62 -1.96 -7.38
N HIS B 318 -15.22 -2.76 -8.36
CA HIS B 318 -16.06 -3.04 -9.52
C HIS B 318 -16.74 -4.39 -9.55
N THR B 319 -16.85 -5.04 -8.40
CA THR B 319 -17.51 -6.34 -8.28
C THR B 319 -18.40 -6.28 -7.07
N GLN B 320 -19.50 -7.02 -7.10
CA GLN B 320 -20.43 -7.04 -5.97
C GLN B 320 -21.03 -8.42 -5.77
N LEU B 321 -20.95 -8.93 -4.55
CA LEU B 321 -21.58 -10.21 -4.22
C LEU B 321 -22.99 -9.97 -3.77
N ASP B 322 -23.79 -11.02 -3.80
CA ASP B 322 -25.14 -10.97 -3.23
C ASP B 322 -25.03 -10.59 -1.77
N ALA B 323 -26.04 -9.89 -1.26
CA ALA B 323 -26.07 -9.56 0.16
C ALA B 323 -26.12 -10.85 0.95
N PRO B 324 -25.45 -10.89 2.12
CA PRO B 324 -25.38 -12.11 2.89
C PRO B 324 -26.52 -12.24 3.89
N PHE B 325 -26.89 -13.49 4.18
CA PHE B 325 -27.85 -13.79 5.22
C PHE B 325 -27.09 -14.01 6.51
N ILE B 326 -27.22 -13.07 7.44
CA ILE B 326 -26.56 -13.14 8.75
C ILE B 326 -27.63 -13.46 9.81
N VAL B 327 -27.62 -14.70 10.29
CA VAL B 327 -28.69 -15.25 11.12
C VAL B 327 -28.29 -15.38 12.58
N LEU B 328 -29.19 -14.99 13.47
CA LEU B 328 -29.04 -15.21 14.91
C LEU B 328 -30.11 -16.16 15.46
N ILE B 329 -29.67 -17.18 16.19
CA ILE B 329 -30.58 -18.03 16.96
C ILE B 329 -31.00 -17.28 18.23
N ASP B 330 -32.26 -17.44 18.65
CA ASP B 330 -32.71 -16.81 19.92
C ASP B 330 -32.11 -17.56 21.10
N TYR B 331 -31.45 -16.82 21.98
CA TYR B 331 -30.79 -17.36 23.17
C TYR B 331 -31.77 -18.12 24.05
N ASP B 332 -32.85 -17.43 24.43
CA ASP B 332 -33.81 -17.96 25.40
C ASP B 332 -34.46 -19.22 24.87
N ALA B 333 -35.05 -19.10 23.68
CA ALA B 333 -35.71 -20.21 23.02
C ALA B 333 -34.79 -21.44 22.91
N PHE B 334 -33.52 -21.23 22.57
CA PHE B 334 -32.56 -22.34 22.46
C PHE B 334 -32.41 -23.04 23.80
N ASN B 335 -32.17 -22.28 24.86
CA ASN B 335 -31.88 -22.86 26.17
C ASN B 335 -33.08 -23.62 26.78
N ASN B 336 -34.30 -23.18 26.47
CA ASN B 336 -35.52 -23.92 26.85
C ASN B 336 -35.63 -25.32 26.23
N LEU B 337 -34.97 -25.54 25.09
CA LEU B 337 -35.00 -26.86 24.43
C LEU B 337 -34.31 -27.92 25.27
N ASP B 338 -34.77 -29.16 25.10
CA ASP B 338 -34.12 -30.34 25.68
C ASP B 338 -33.10 -30.90 24.70
N SER B 339 -32.23 -31.76 25.22
CA SER B 339 -31.13 -32.37 24.45
C SER B 339 -31.52 -32.71 23.01
N ALA B 340 -32.57 -33.52 22.86
CA ALA B 340 -33.00 -34.00 21.54
C ALA B 340 -33.45 -32.90 20.59
N GLN B 341 -34.13 -31.89 21.12
CA GLN B 341 -34.51 -30.71 20.31
C GLN B 341 -33.30 -29.91 19.88
N ARG B 342 -32.30 -29.80 20.76
CA ARG B 342 -31.07 -29.12 20.42
C ARG B 342 -30.38 -29.82 19.25
N GLN B 343 -30.26 -31.15 19.33
CA GLN B 343 -29.72 -31.92 18.20
C GLN B 343 -30.41 -31.56 16.89
N LEU B 344 -31.74 -31.56 16.88
CA LEU B 344 -32.49 -31.26 15.68
C LEU B 344 -32.23 -29.86 15.17
N LEU B 345 -32.21 -28.88 16.07
CA LEU B 345 -31.89 -27.51 15.71
C LEU B 345 -30.47 -27.40 15.14
N LEU B 346 -29.52 -28.10 15.74
CA LEU B 346 -28.14 -28.04 15.27
C LEU B 346 -28.01 -28.66 13.86
N GLN B 347 -28.66 -29.79 13.64
CA GLN B 347 -28.76 -30.41 12.30
C GLN B 347 -29.37 -29.47 11.25
N GLN B 348 -30.35 -28.67 11.68
CA GLN B 348 -30.98 -27.66 10.83
C GLN B 348 -30.04 -26.49 10.58
N VAL B 349 -29.36 -26.03 11.63
CA VAL B 349 -28.41 -24.92 11.54
C VAL B 349 -27.20 -25.35 10.73
N ALA B 350 -26.79 -26.60 10.89
CA ALA B 350 -25.74 -27.20 10.07
C ALA B 350 -26.08 -27.10 8.59
N SER B 351 -27.32 -27.48 8.25
CA SER B 351 -27.82 -27.41 6.88
C SER B 351 -27.75 -25.99 6.33
N LEU B 352 -28.21 -25.03 7.12
CA LEU B 352 -28.17 -23.61 6.73
C LEU B 352 -26.77 -23.14 6.41
N ARG B 353 -25.79 -23.55 7.23
CA ARG B 353 -24.39 -23.14 7.04
C ARG B 353 -23.81 -23.64 5.74
N GLN B 354 -24.16 -24.88 5.40
CA GLN B 354 -23.79 -25.47 4.13
C GLN B 354 -24.35 -24.65 2.97
N GLN B 355 -25.61 -24.23 3.07
CA GLN B 355 -26.22 -23.32 2.08
C GLN B 355 -25.58 -21.92 2.04
N GLY B 356 -24.68 -21.64 2.99
CA GLY B 356 -23.89 -20.42 3.00
C GLY B 356 -24.41 -19.35 3.94
N TYR B 357 -25.43 -19.69 4.74
CA TYR B 357 -25.99 -18.76 5.73
C TYR B 357 -25.01 -18.62 6.87
N ARG B 358 -24.97 -17.43 7.46
CA ARG B 358 -24.02 -17.13 8.53
C ARG B 358 -24.74 -17.13 9.86
N VAL B 359 -24.68 -18.27 10.55
CA VAL B 359 -25.49 -18.48 11.72
C VAL B 359 -24.65 -18.44 12.98
N THR B 360 -25.03 -17.55 13.88
CA THR B 360 -24.32 -17.33 15.12
C THR B 360 -25.08 -17.97 16.26
N MET B 361 -24.38 -18.79 17.05
CA MET B 361 -24.92 -19.42 18.25
C MET B 361 -24.62 -18.53 19.46
N PRO B 362 -25.64 -17.84 19.99
CA PRO B 362 -25.40 -16.78 20.97
C PRO B 362 -24.93 -17.31 22.32
N LEU B 363 -23.91 -16.65 22.86
CA LEU B 363 -23.36 -16.99 24.17
C LEU B 363 -24.18 -16.35 25.29
N THR B 364 -24.80 -15.22 24.98
CA THR B 364 -25.59 -14.45 25.93
C THR B 364 -26.76 -13.81 25.21
N ALA B 365 -27.80 -13.48 25.99
CA ALA B 365 -28.98 -12.75 25.49
C ALA B 365 -28.65 -11.54 24.62
N GLU B 366 -27.60 -10.78 24.98
CA GLU B 366 -27.21 -9.57 24.27
C GLU B 366 -26.36 -9.82 23.00
N ASP B 367 -25.78 -11.01 22.89
CA ASP B 367 -24.96 -11.41 21.73
C ASP B 367 -25.66 -11.09 20.40
N MET B 368 -25.13 -10.11 19.66
CA MET B 368 -25.74 -9.60 18.43
C MET B 368 -24.73 -9.61 17.28
N PRO B 369 -24.98 -10.39 16.20
CA PRO B 369 -24.09 -10.28 15.03
C PRO B 369 -24.22 -8.97 14.27
N VAL B 370 -23.13 -8.54 13.65
CA VAL B 370 -23.12 -7.29 12.91
C VAL B 370 -23.79 -7.56 11.57
N GLY B 371 -24.67 -6.65 11.16
CA GLY B 371 -25.38 -6.78 9.89
C GLY B 371 -26.52 -7.79 9.90
N LEU B 372 -27.05 -8.03 11.10
CA LEU B 372 -28.06 -9.04 11.35
C LEU B 372 -29.21 -8.90 10.36
N THR B 373 -29.45 -9.93 9.56
CA THR B 373 -30.54 -9.91 8.58
C THR B 373 -31.77 -10.67 9.04
N HIS B 374 -31.56 -11.80 9.73
CA HIS B 374 -32.66 -12.68 10.15
C HIS B 374 -32.50 -13.20 11.56
N ARG B 375 -33.61 -13.65 12.14
CA ARG B 375 -33.60 -14.42 13.37
C ARG B 375 -34.11 -15.80 13.04
N LEU B 376 -33.56 -16.81 13.71
CA LEU B 376 -34.08 -18.16 13.66
C LEU B 376 -34.79 -18.34 14.98
N SER B 377 -36.12 -18.38 14.92
CA SER B 377 -36.98 -18.34 16.11
C SER B 377 -37.96 -19.49 16.12
N LEU B 378 -38.37 -19.89 17.33
CA LEU B 378 -39.34 -20.96 17.51
C LEU B 378 -40.77 -20.40 17.42
N ALA B 379 -41.64 -21.10 16.67
CA ALA B 379 -43.03 -20.67 16.48
C ALA B 379 -43.88 -21.90 16.16
N ASP B 380 -44.90 -22.16 16.98
CA ASP B 380 -45.77 -23.33 16.83
C ASP B 380 -44.94 -24.60 16.54
N ASN B 381 -43.99 -24.88 17.43
CA ASN B 381 -43.09 -26.04 17.32
C ASN B 381 -42.37 -26.18 15.96
N GLN B 382 -41.97 -25.04 15.38
CA GLN B 382 -41.18 -25.00 14.15
C GLN B 382 -40.15 -23.87 14.20
N TRP B 383 -38.88 -24.20 13.94
CA TRP B 383 -37.85 -23.17 13.80
C TRP B 383 -37.86 -22.63 12.37
N ARG B 384 -37.88 -21.32 12.25
CA ARG B 384 -38.11 -20.63 10.97
C ARG B 384 -37.29 -19.36 10.95
N LEU B 385 -37.03 -18.87 9.74
CA LEU B 385 -36.31 -17.60 9.59
C LEU B 385 -37.30 -16.46 9.47
N HIS B 386 -37.04 -15.34 10.14
CA HIS B 386 -37.80 -14.10 9.92
C HIS B 386 -36.85 -12.93 9.94
N ALA B 387 -37.06 -11.97 9.05
CA ALA B 387 -36.25 -10.75 8.99
C ALA B 387 -36.50 -9.89 10.22
N VAL B 388 -35.56 -9.00 10.50
CA VAL B 388 -35.63 -8.13 11.69
C VAL B 388 -36.62 -6.96 11.51
N PHE C 22 29.48 38.93 13.34
CA PHE C 22 28.46 39.57 14.23
C PHE C 22 28.30 38.76 15.50
N LEU C 23 28.59 39.39 16.63
CA LEU C 23 28.68 38.70 17.93
C LEU C 23 27.44 38.88 18.81
N GLY C 24 26.57 39.82 18.47
CA GLY C 24 25.29 39.98 19.16
C GLY C 24 24.19 39.07 18.60
N LEU C 25 22.96 39.34 19.01
CA LEU C 25 21.80 38.53 18.63
C LEU C 25 21.27 38.90 17.24
N THR C 26 20.83 37.89 16.50
CA THR C 26 20.10 38.06 15.25
C THR C 26 18.67 37.54 15.46
N LEU C 27 17.68 38.38 15.10
CA LEU C 27 16.29 38.07 15.33
C LEU C 27 15.59 37.75 14.02
N ALA C 28 14.91 36.60 13.97
CA ALA C 28 14.23 36.15 12.76
C ALA C 28 12.78 36.59 12.80
N LEU C 29 12.33 37.27 11.75
CA LEU C 29 10.97 37.83 11.70
C LEU C 29 10.27 37.68 10.35
N SER C 30 8.93 37.53 10.44
CA SER C 30 8.04 37.41 9.30
C SER C 30 7.46 38.78 8.95
N LYS C 31 7.57 39.15 7.67
CA LYS C 31 7.01 40.39 7.11
C LYS C 31 5.53 40.58 7.36
N GLY C 32 5.12 41.80 7.68
CA GLY C 32 3.69 42.14 7.80
C GLY C 32 3.10 41.90 9.19
N ARG C 33 2.13 40.97 9.29
CA ARG C 33 1.34 40.78 10.51
C ARG C 33 2.14 40.57 11.79
N ILE C 34 3.27 39.86 11.70
CA ILE C 34 4.05 39.50 12.89
C ILE C 34 4.91 40.68 13.33
N LEU C 35 5.67 41.22 12.38
CA LEU C 35 6.54 42.39 12.60
C LEU C 35 5.79 43.55 13.29
N GLU C 36 4.62 43.86 12.76
CA GLU C 36 3.76 44.93 13.28
C GLU C 36 3.28 44.63 14.71
N GLU C 37 2.82 43.42 14.96
CA GLU C 37 2.30 43.04 16.30
C GLU C 37 3.38 42.76 17.35
N THR C 38 4.65 42.65 16.94
CA THR C 38 5.77 42.48 17.89
C THR C 38 6.50 43.78 18.24
N MET C 39 6.50 44.76 17.33
CA MET C 39 7.20 46.05 17.54
C MET C 39 6.95 46.77 18.87
N PRO C 40 5.70 46.74 19.40
CA PRO C 40 5.43 47.22 20.75
C PRO C 40 6.21 46.50 21.88
N LEU C 41 6.39 45.18 21.74
CA LEU C 41 7.23 44.39 22.66
C LEU C 41 8.71 44.72 22.43
N LEU C 42 9.09 44.90 21.17
CA LEU C 42 10.45 45.24 20.76
C LEU C 42 10.87 46.63 21.24
N ARG C 43 10.02 47.64 21.00
CA ARG C 43 10.24 49.00 21.50
C ARG C 43 10.38 49.03 23.02
N ALA C 44 9.52 48.28 23.70
CA ALA C 44 9.57 48.13 25.16
C ALA C 44 10.82 47.39 25.67
N ALA C 45 11.41 46.55 24.82
CA ALA C 45 12.71 45.90 25.09
C ALA C 45 13.94 46.67 24.57
N GLY C 46 13.76 47.94 24.19
CA GLY C 46 14.85 48.76 23.67
C GLY C 46 15.30 48.42 22.26
N VAL C 47 14.38 47.90 21.45
CA VAL C 47 14.69 47.47 20.08
C VAL C 47 13.71 48.13 19.09
N GLU C 48 14.19 49.19 18.44
CA GLU C 48 13.42 49.86 17.39
C GLU C 48 14.19 49.73 16.08
N LEU C 49 13.51 49.27 15.02
CA LEU C 49 14.14 49.19 13.71
C LEU C 49 14.35 50.59 13.15
N LEU C 50 15.42 50.76 12.38
CA LEU C 50 15.82 52.09 11.87
C LEU C 50 15.04 52.50 10.61
N GLU C 51 14.76 51.55 9.72
CA GLU C 51 13.87 51.77 8.58
C GLU C 51 12.63 50.88 8.73
N ASP C 52 11.62 51.14 7.89
CA ASP C 52 10.43 50.31 7.85
C ASP C 52 10.69 49.22 6.82
N PRO C 53 10.78 47.96 7.28
CA PRO C 53 10.98 46.78 6.46
C PRO C 53 10.19 46.78 5.17
N GLU C 54 8.89 47.06 5.29
CA GLU C 54 7.96 46.98 4.17
C GLU C 54 8.36 47.98 3.06
N ALA C 55 8.88 49.14 3.46
CA ALA C 55 9.48 50.09 2.54
C ALA C 55 10.79 49.48 2.06
N SER C 56 10.72 48.77 0.92
CA SER C 56 11.84 48.08 0.27
C SER C 56 12.96 47.60 1.20
N LEU C 59 17.09 43.20 3.46
CA LEU C 59 16.96 41.85 3.99
C LEU C 59 17.46 41.74 5.45
N ILE C 60 18.60 42.38 5.73
CA ILE C 60 19.09 42.48 7.10
C ILE C 60 18.85 43.92 7.56
N PHE C 61 18.39 44.09 8.79
CA PHE C 61 18.06 45.41 9.34
C PHE C 61 18.79 45.65 10.65
N PRO C 62 19.37 46.84 10.82
CA PRO C 62 19.88 47.21 12.15
C PRO C 62 18.76 47.54 13.13
N THR C 63 19.14 47.77 14.39
CA THR C 63 18.22 48.31 15.40
C THR C 63 18.95 49.25 16.37
N SER C 64 18.16 50.03 17.12
CA SER C 64 18.66 51.01 18.11
C SER C 64 19.67 50.39 19.06
N ASN C 65 19.40 49.17 19.52
CA ASN C 65 20.42 48.33 20.15
C ASN C 65 21.38 47.86 19.05
N PRO C 66 22.68 48.16 19.17
CA PRO C 66 23.64 47.75 18.14
C PRO C 66 23.97 46.26 18.18
N ASN C 67 23.78 45.63 19.33
CA ASN C 67 23.96 44.19 19.49
C ASN C 67 22.75 43.34 19.06
N VAL C 68 21.69 43.97 18.53
CA VAL C 68 20.58 43.21 17.90
C VAL C 68 20.44 43.63 16.43
N ARG C 69 20.09 42.66 15.59
CA ARG C 69 19.70 42.92 14.21
C ARG C 69 18.51 42.04 13.88
N VAL C 70 17.85 42.33 12.76
CA VAL C 70 16.64 41.62 12.36
C VAL C 70 16.73 41.09 10.93
N LEU C 71 16.30 39.85 10.75
CA LEU C 71 16.14 39.22 9.43
C LEU C 71 14.65 39.10 9.13
N ILE C 72 14.26 39.56 7.95
CA ILE C 72 12.88 39.42 7.50
C ILE C 72 12.85 38.26 6.50
N LEU C 73 12.00 37.28 6.76
CA LEU C 73 11.83 36.16 5.82
C LEU C 73 10.38 35.70 5.81
N ARG C 74 10.09 34.70 4.97
CA ARG C 74 8.79 34.06 5.00
C ARG C 74 8.63 33.35 6.32
N ALA C 75 7.42 33.35 6.86
CA ALA C 75 7.13 32.79 8.18
C ALA C 75 7.48 31.30 8.34
N SER C 76 7.52 30.55 7.24
CA SER C 76 7.84 29.12 7.25
C SER C 76 9.34 28.83 7.32
N ASP C 77 10.16 29.86 7.10
CA ASP C 77 11.60 29.72 7.16
C ASP C 77 12.19 30.18 8.48
N VAL C 78 11.37 30.79 9.32
CA VAL C 78 11.87 31.26 10.61
C VAL C 78 12.45 30.09 11.43
N PRO C 79 11.68 29.00 11.61
CA PRO C 79 12.25 27.88 12.37
C PRO C 79 13.52 27.29 11.74
N THR C 80 13.60 27.29 10.41
CA THR C 80 14.78 26.77 9.71
C THR C 80 16.02 27.62 10.01
N TYR C 81 15.89 28.95 9.86
CA TYR C 81 16.98 29.85 10.22
C TYR C 81 17.36 29.79 11.70
N VAL C 82 16.39 29.57 12.59
CA VAL C 82 16.66 29.51 14.03
C VAL C 82 17.32 28.19 14.43
N GLU C 83 16.77 27.05 14.01
CA GLU C 83 17.33 25.74 14.41
C GLU C 83 18.78 25.52 13.94
N HIS C 84 19.11 26.05 12.74
CA HIS C 84 20.47 25.97 12.21
C HIS C 84 21.39 27.06 12.76
N GLY C 85 20.82 28.03 13.47
CA GLY C 85 21.58 29.05 14.16
C GLY C 85 22.00 30.25 13.32
N ALA C 86 21.49 30.36 12.10
CA ALA C 86 21.74 31.55 11.25
C ALA C 86 20.96 32.77 11.74
N ALA C 87 19.98 32.52 12.60
CA ALA C 87 19.45 33.52 13.53
C ALA C 87 19.45 32.91 14.93
N ASP C 88 19.70 33.75 15.92
CA ASP C 88 19.82 33.28 17.31
C ASP C 88 18.46 32.98 17.92
N PHE C 89 17.47 33.77 17.51
CA PHE C 89 16.10 33.61 18.01
C PHE C 89 15.09 34.19 17.03
N GLY C 90 13.82 33.86 17.24
CA GLY C 90 12.78 34.25 16.29
C GLY C 90 11.35 34.18 16.79
N VAL C 91 10.48 34.80 16.01
CA VAL C 91 9.02 34.77 16.21
C VAL C 91 8.34 34.13 15.00
N ALA C 92 7.59 33.07 15.25
CA ALA C 92 6.86 32.36 14.21
C ALA C 92 5.64 31.69 14.81
N GLY C 93 4.57 31.61 14.02
CA GLY C 93 3.30 31.04 14.45
C GLY C 93 3.41 29.58 14.81
N LYS C 94 2.61 29.16 15.81
CA LYS C 94 2.57 27.76 16.24
C LYS C 94 2.08 26.82 15.13
N ASP C 95 1.36 27.37 14.15
CA ASP C 95 1.04 26.61 12.95
C ASP C 95 2.32 26.15 12.23
N VAL C 96 3.31 27.03 12.10
CA VAL C 96 4.57 26.67 11.44
C VAL C 96 5.38 25.71 12.31
N LEU C 97 5.47 25.97 13.61
CA LEU C 97 6.23 25.09 14.52
C LEU C 97 5.67 23.67 14.53
N LEU C 98 4.34 23.55 14.58
CA LEU C 98 3.72 22.22 14.56
C LEU C 98 3.97 21.48 13.26
N GLU C 99 3.79 22.18 12.15
CA GLU C 99 4.01 21.62 10.81
C GLU C 99 5.48 21.30 10.54
N HIS C 100 6.36 22.25 10.84
CA HIS C 100 7.81 22.10 10.62
C HIS C 100 8.48 21.18 11.65
N GLY C 101 7.89 21.05 12.84
CA GLY C 101 8.53 20.33 13.94
C GLY C 101 9.54 21.25 14.61
N ALA C 102 9.38 21.44 15.92
CA ALA C 102 10.24 22.32 16.71
C ALA C 102 11.20 21.50 17.57
N ASN C 103 11.83 20.51 16.95
CA ASN C 103 12.67 19.54 17.65
C ASN C 103 13.95 20.20 18.16
N HIS C 104 14.58 21.00 17.30
CA HIS C 104 15.89 21.59 17.58
C HIS C 104 15.84 23.08 17.96
N VAL C 105 14.75 23.53 18.58
CA VAL C 105 14.64 24.88 19.16
C VAL C 105 13.91 24.85 20.49
N TYR C 106 14.07 25.94 21.24
CA TYR C 106 13.37 26.16 22.50
C TYR C 106 12.24 27.16 22.30
N GLU C 107 11.05 26.81 22.78
CA GLU C 107 9.86 27.66 22.69
C GLU C 107 9.63 28.32 24.04
N LEU C 108 10.22 29.51 24.21
CA LEU C 108 10.31 30.17 25.51
C LEU C 108 9.02 30.87 25.93
N LEU C 109 8.40 31.61 25.01
CA LEU C 109 7.26 32.49 25.33
C LEU C 109 6.12 32.46 24.32
N ASP C 110 4.91 32.19 24.79
CA ASP C 110 3.70 32.42 24.00
C ASP C 110 3.43 33.93 24.03
N LEU C 111 3.58 34.59 22.88
CA LEU C 111 3.43 36.05 22.79
C LEU C 111 1.98 36.57 22.65
N LYS C 112 1.00 35.66 22.62
CA LYS C 112 -0.43 36.03 22.51
C LYS C 112 -0.75 37.04 21.41
N ILE C 113 0.04 37.05 20.34
CA ILE C 113 -0.16 37.94 19.22
C ILE C 113 -0.32 37.13 17.94
N ALA C 114 -0.86 37.77 16.92
CA ALA C 114 -1.11 37.14 15.62
C ALA C 114 -1.86 35.81 15.82
N GLN C 115 -3.03 35.90 16.42
CA GLN C 115 -3.79 34.73 16.83
C GLN C 115 -4.75 34.28 15.73
N CYS C 116 -4.94 32.97 15.64
CA CYS C 116 -5.83 32.36 14.66
C CYS C 116 -6.04 30.90 15.09
N LYS C 117 -6.56 30.05 14.22
CA LYS C 117 -6.74 28.64 14.54
C LYS C 117 -6.52 27.79 13.30
N LEU C 118 -6.02 26.57 13.53
CA LEU C 118 -5.93 25.56 12.49
C LEU C 118 -7.24 24.81 12.52
N MET C 119 -7.91 24.79 11.36
CA MET C 119 -9.20 24.16 11.23
C MET C 119 -9.30 23.40 9.92
N THR C 120 -10.20 22.42 9.89
CA THR C 120 -10.57 21.73 8.67
C THR C 120 -11.70 22.55 8.04
N ALA C 121 -11.64 22.69 6.71
CA ALA C 121 -12.63 23.47 5.96
C ALA C 121 -13.08 22.76 4.67
N GLY C 122 -14.36 22.91 4.36
CA GLY C 122 -14.98 22.32 3.17
C GLY C 122 -15.92 23.31 2.51
N VAL C 123 -16.48 22.90 1.37
CA VAL C 123 -17.44 23.72 0.62
C VAL C 123 -18.76 23.87 1.38
N LYS C 124 -19.45 24.99 1.17
CA LYS C 124 -20.59 25.42 1.99
C LYS C 124 -21.75 24.40 2.04
N ASP C 125 -22.03 23.87 3.23
CA ASP C 125 -23.13 22.90 3.46
C ASP C 125 -23.09 21.54 2.75
N ALA C 126 -22.16 21.32 1.83
CA ALA C 126 -22.01 20.02 1.20
C ALA C 126 -21.51 19.03 2.24
N PRO C 127 -22.06 17.80 2.23
CA PRO C 127 -21.58 16.77 3.16
C PRO C 127 -20.30 16.09 2.69
N LEU C 128 -19.63 15.43 3.63
CA LEU C 128 -18.40 14.68 3.35
C LEU C 128 -18.80 13.51 2.47
N PRO C 129 -17.99 13.21 1.44
CA PRO C 129 -18.40 12.19 0.49
C PRO C 129 -18.28 10.78 1.07
N ASN C 130 -18.84 9.82 0.34
CA ASN C 130 -18.89 8.42 0.74
C ASN C 130 -17.47 7.86 0.87
N ARG C 131 -16.70 7.98 -0.21
CA ARG C 131 -15.31 7.46 -0.27
C ARG C 131 -14.32 8.14 0.70
N ARG C 132 -13.10 7.59 0.77
CA ARG C 132 -12.04 8.09 1.64
C ARG C 132 -11.75 9.58 1.40
N LEU C 133 -11.47 10.30 2.48
CA LEU C 133 -11.24 11.74 2.41
C LEU C 133 -9.87 12.09 1.79
N ARG C 134 -9.90 13.03 0.85
CA ARG C 134 -8.72 13.72 0.36
C ARG C 134 -8.65 15.08 1.04
N ILE C 135 -7.55 15.34 1.76
CA ILE C 135 -7.25 16.67 2.29
C ILE C 135 -6.14 17.27 1.43
N ALA C 136 -6.36 18.50 0.97
CA ALA C 136 -5.34 19.28 0.28
C ALA C 136 -4.90 20.37 1.24
N THR C 137 -3.60 20.52 1.48
CA THR C 137 -3.12 21.51 2.45
C THR C 137 -1.62 21.83 2.40
N LYS C 138 -1.27 23.02 2.88
CA LYS C 138 0.10 23.33 3.29
C LYS C 138 0.53 22.49 4.48
N TYR C 139 -0.38 22.33 5.44
CA TYR C 139 -0.07 21.74 6.75
C TYR C 139 -0.23 20.21 6.73
N VAL C 140 0.62 19.56 5.93
CA VAL C 140 0.53 18.11 5.68
C VAL C 140 0.66 17.24 6.95
N ASN C 141 1.69 17.52 7.74
CA ASN C 141 1.94 16.78 8.97
C ASN C 141 0.88 17.08 10.02
N VAL C 142 0.40 18.32 10.05
CA VAL C 142 -0.69 18.69 10.97
C VAL C 142 -1.94 17.90 10.59
N ALA C 143 -2.23 17.84 9.30
CA ALA C 143 -3.38 17.12 8.77
C ALA C 143 -3.31 15.64 9.14
N ARG C 144 -2.22 14.97 8.79
CA ARG C 144 -2.05 13.55 9.11
C ARG C 144 -2.19 13.28 10.61
N ALA C 145 -1.58 14.15 11.40
CA ALA C 145 -1.58 14.01 12.87
C ALA C 145 -2.99 14.17 13.44
N TYR C 146 -3.71 15.19 12.95
CA TYR C 146 -5.07 15.46 13.41
C TYR C 146 -6.02 14.33 13.04
N PHE C 147 -6.13 14.06 11.75
CA PHE C 147 -7.03 13.01 11.25
C PHE C 147 -6.66 11.63 11.79
N ALA C 148 -5.39 11.42 12.15
CA ALA C 148 -4.99 10.24 12.93
C ALA C 148 -5.64 10.26 14.31
N SER C 149 -5.60 11.40 15.00
CA SER C 149 -6.24 11.53 16.32
C SER C 149 -7.77 11.34 16.29
N GLN C 150 -8.40 11.66 15.16
CA GLN C 150 -9.84 11.41 14.95
C GLN C 150 -10.10 10.06 14.24
N GLY C 151 -9.13 9.16 14.29
CA GLY C 151 -9.26 7.81 13.73
C GLY C 151 -9.75 7.73 12.29
N GLN C 152 -9.41 8.74 11.49
CA GLN C 152 -9.86 8.81 10.11
C GLN C 152 -8.67 8.71 9.15
N GLN C 153 -8.79 7.79 8.20
CA GLN C 153 -7.74 7.49 7.23
C GLN C 153 -7.95 8.42 6.07
N VAL C 154 -6.90 9.10 5.62
CA VAL C 154 -7.01 10.12 4.59
C VAL C 154 -5.86 10.08 3.59
N ASP C 155 -6.10 10.75 2.47
CA ASP C 155 -5.07 11.04 1.47
C ASP C 155 -4.74 12.51 1.57
N VAL C 156 -3.47 12.81 1.75
CA VAL C 156 -3.06 14.20 1.91
C VAL C 156 -2.36 14.67 0.64
N ILE C 157 -2.72 15.88 0.19
CA ILE C 157 -2.14 16.48 -1.01
C ILE C 157 -1.47 17.81 -0.64
N LYS C 158 -0.17 17.91 -0.93
CA LYS C 158 0.64 19.08 -0.58
C LYS C 158 0.38 20.26 -1.53
N LEU C 159 0.03 21.40 -0.95
CA LEU C 159 -0.10 22.66 -1.66
C LEU C 159 0.84 23.67 -1.01
N TYR C 160 1.52 24.44 -1.85
CA TYR C 160 2.32 25.57 -1.41
C TYR C 160 1.50 26.85 -1.47
N GLY C 161 0.71 27.00 -2.54
CA GLY C 161 -0.18 28.15 -2.72
C GLY C 161 -1.43 28.13 -1.87
N SER C 162 -2.19 29.22 -1.94
CA SER C 162 -3.45 29.38 -1.21
C SER C 162 -4.44 28.27 -1.57
N MET C 163 -5.11 27.74 -0.55
CA MET C 163 -5.79 26.44 -0.62
C MET C 163 -7.30 26.51 -0.83
N GLU C 164 -7.88 27.72 -0.84
CA GLU C 164 -9.32 27.90 -0.94
C GLU C 164 -9.89 27.31 -2.23
N LEU C 165 -9.11 27.39 -3.30
CA LEU C 165 -9.49 26.83 -4.60
C LEU C 165 -9.68 25.31 -4.61
N ALA C 166 -8.90 24.59 -3.81
CA ALA C 166 -8.81 23.11 -3.91
C ALA C 166 -10.14 22.33 -3.78
N PRO C 167 -10.98 22.68 -2.76
CA PRO C 167 -12.32 22.07 -2.65
C PRO C 167 -13.20 22.30 -3.88
N LEU C 168 -13.17 23.52 -4.42
CA LEU C 168 -14.08 23.98 -5.49
C LEU C 168 -13.84 23.27 -6.83
N VAL C 169 -12.63 22.77 -7.06
CA VAL C 169 -12.33 21.94 -8.24
C VAL C 169 -12.07 20.48 -7.85
N GLY C 170 -12.54 20.10 -6.66
CA GLY C 170 -12.38 18.75 -6.14
C GLY C 170 -10.99 18.17 -6.20
N LEU C 171 -9.97 18.97 -5.88
CA LEU C 171 -8.62 18.46 -5.71
C LEU C 171 -8.59 17.71 -4.40
N GLY C 172 -9.10 18.37 -3.37
CA GLY C 172 -9.38 17.74 -2.10
C GLY C 172 -10.82 18.00 -1.72
N ASP C 173 -11.32 17.21 -0.78
CA ASP C 173 -12.66 17.39 -0.20
C ASP C 173 -12.62 18.46 0.88
N LEU C 174 -11.63 18.36 1.76
CA LEU C 174 -11.38 19.37 2.77
C LEU C 174 -10.01 20.02 2.61
N ILE C 175 -9.80 21.08 3.38
CA ILE C 175 -8.49 21.68 3.53
C ILE C 175 -8.19 21.96 5.00
N VAL C 176 -6.91 22.17 5.28
CA VAL C 176 -6.45 22.61 6.58
C VAL C 176 -5.78 23.96 6.32
N ASP C 177 -6.19 24.97 7.07
CA ASP C 177 -5.72 26.35 6.89
C ASP C 177 -5.91 27.11 8.20
N VAL C 178 -5.32 28.29 8.25
CA VAL C 178 -5.54 29.23 9.34
C VAL C 178 -6.76 30.11 9.06
N VAL C 179 -7.55 30.35 10.10
CA VAL C 179 -8.75 31.17 10.02
C VAL C 179 -8.86 32.00 11.29
N ASP C 180 -9.09 33.30 11.15
CA ASP C 180 -9.40 34.15 12.29
C ASP C 180 -10.90 34.34 12.34
N THR C 181 -11.44 35.09 11.38
CA THR C 181 -12.87 35.40 11.33
C THR C 181 -13.65 34.43 10.44
N GLY C 182 -13.05 34.05 9.31
CA GLY C 182 -13.65 33.18 8.31
C GLY C 182 -14.24 33.92 7.12
N ASN C 183 -13.92 35.20 6.98
CA ASN C 183 -14.35 36.01 5.85
C ASN C 183 -13.75 35.52 4.54
N THR C 184 -12.45 35.24 4.54
CA THR C 184 -11.78 34.68 3.36
C THR C 184 -12.39 33.33 2.99
N LEU C 185 -12.78 32.54 4.00
CA LEU C 185 -13.40 31.23 3.78
C LEU C 185 -14.80 31.34 3.13
N ARG C 186 -15.63 32.23 3.68
CA ARG C 186 -16.97 32.48 3.12
C ARG C 186 -16.89 33.17 1.75
N ALA C 187 -15.98 34.13 1.61
CA ALA C 187 -15.75 34.81 0.32
C ALA C 187 -15.35 33.88 -0.83
N ASN C 188 -14.82 32.70 -0.50
CA ASN C 188 -14.52 31.67 -1.50
C ASN C 188 -15.48 30.46 -1.42
N GLY C 189 -16.66 30.68 -0.86
CA GLY C 189 -17.71 29.67 -0.78
C GLY C 189 -17.39 28.47 0.09
N LEU C 190 -16.61 28.69 1.14
CA LEU C 190 -16.22 27.63 2.08
C LEU C 190 -16.67 27.96 3.50
N GLU C 191 -16.53 26.98 4.38
CA GLU C 191 -16.93 27.11 5.77
C GLU C 191 -16.10 26.20 6.67
N ALA C 192 -15.77 26.71 7.85
CA ALA C 192 -15.00 25.99 8.85
C ALA C 192 -15.76 24.79 9.34
N ARG C 193 -15.05 23.71 9.62
CA ARG C 193 -15.73 22.48 9.99
C ARG C 193 -15.28 21.94 11.29
N ASP C 194 -13.99 21.64 11.46
CA ASP C 194 -13.50 21.18 12.78
C ASP C 194 -12.39 22.06 13.33
N HIS C 195 -12.35 22.18 14.66
CA HIS C 195 -11.33 22.94 15.34
C HIS C 195 -10.17 22.01 15.75
N ILE C 196 -9.02 22.16 15.08
CA ILE C 196 -7.83 21.34 15.36
C ILE C 196 -7.13 21.85 16.63
N CYS C 197 -6.64 23.09 16.58
CA CYS C 197 -6.04 23.72 17.77
C CYS C 197 -5.89 25.23 17.59
N ASP C 198 -5.69 25.94 18.70
CA ASP C 198 -5.47 27.40 18.67
C ASP C 198 -4.06 27.74 18.23
N VAL C 199 -3.89 28.95 17.69
CA VAL C 199 -2.61 29.41 17.18
C VAL C 199 -2.33 30.84 17.60
N SER C 200 -1.07 31.05 17.97
CA SER C 200 -0.52 32.35 18.30
C SER C 200 0.98 32.26 18.05
N SER C 201 1.58 33.37 17.63
CA SER C 201 3.02 33.39 17.41
C SER C 201 3.79 33.16 18.71
N ARG C 202 4.89 32.41 18.60
CA ARG C 202 5.71 32.02 19.74
C ARG C 202 7.13 32.52 19.56
N LEU C 203 7.81 32.72 20.69
CA LEU C 203 9.23 33.10 20.71
C LEU C 203 10.13 31.86 20.82
N ILE C 204 10.95 31.65 19.79
CA ILE C 204 11.84 30.50 19.68
C ILE C 204 13.28 30.94 19.72
N VAL C 205 14.13 30.10 20.30
CA VAL C 205 15.54 30.44 20.54
C VAL C 205 16.43 29.25 20.18
N ASN C 206 17.48 29.52 19.39
CA ASN C 206 18.45 28.48 19.03
C ASN C 206 19.13 27.93 20.27
N GLN C 207 19.28 26.61 20.32
CA GLN C 207 19.65 25.93 21.56
C GLN C 207 21.02 26.33 22.07
N VAL C 208 21.96 26.46 21.13
CA VAL C 208 23.29 26.98 21.43
C VAL C 208 23.20 28.44 21.86
N SER C 209 22.55 29.28 21.05
CA SER C 209 22.42 30.71 21.35
C SER C 209 21.86 30.99 22.75
N TYR C 210 20.98 30.12 23.25
CA TYR C 210 20.44 30.24 24.60
C TYR C 210 21.46 30.00 25.72
N LYS C 211 22.45 29.16 25.47
CA LYS C 211 23.53 28.90 26.41
C LYS C 211 24.60 29.97 26.28
N ARG C 212 25.11 30.15 25.05
CA ARG C 212 26.19 31.11 24.78
C ARG C 212 25.82 32.58 25.04
N LYS C 213 24.67 33.04 24.54
CA LYS C 213 24.33 34.49 24.57
C LYS C 213 23.20 34.89 25.51
N PHE C 214 22.94 34.06 26.53
CA PHE C 214 21.89 34.32 27.54
C PHE C 214 21.95 35.72 28.17
N ALA C 215 23.16 36.21 28.40
CA ALA C 215 23.42 37.56 28.93
C ALA C 215 22.76 38.66 28.11
N LEU C 216 22.78 38.49 26.79
CA LEU C 216 22.13 39.44 25.88
C LEU C 216 20.61 39.21 25.81
N LEU C 217 20.21 37.94 25.89
CA LEU C 217 18.80 37.54 25.81
C LEU C 217 17.97 37.86 27.05
N GLU C 218 18.51 37.65 28.25
CA GLU C 218 17.74 37.80 29.51
C GLU C 218 16.92 39.11 29.60
N PRO C 219 17.52 40.29 29.32
CA PRO C 219 16.72 41.53 29.38
C PRO C 219 15.52 41.52 28.43
N ILE C 220 15.80 41.27 27.14
CA ILE C 220 14.77 41.21 26.08
C ILE C 220 13.65 40.23 26.43
N LEU C 221 14.01 39.04 26.92
CA LEU C 221 13.02 38.07 27.40
C LEU C 221 12.19 38.62 28.56
N ASP C 222 12.86 39.31 29.49
CA ASP C 222 12.16 39.91 30.63
C ASP C 222 11.20 41.02 30.20
N SER C 223 11.61 41.86 29.24
CA SER C 223 10.73 42.92 28.71
C SER C 223 9.47 42.34 28.10
N PHE C 224 9.68 41.40 27.17
CA PHE C 224 8.59 40.73 26.46
C PHE C 224 7.64 40.13 27.50
N LYS C 225 8.21 39.31 28.38
CA LYS C 225 7.47 38.68 29.47
C LYS C 225 6.68 39.70 30.33
N ASN C 226 7.29 40.86 30.59
CA ASN C 226 6.60 41.95 31.30
C ASN C 226 5.45 42.50 30.46
N SER C 227 5.75 42.86 29.21
CA SER C 227 4.77 43.32 28.20
C SER C 227 3.48 42.46 28.07
N ILE C 228 3.68 41.16 28.19
CA ILE C 228 2.61 40.17 28.13
C ILE C 228 1.79 40.23 29.43
N GLU D 21 -19.80 18.73 -13.22
CA GLU D 21 -20.65 19.67 -14.04
C GLU D 21 -19.93 20.22 -15.28
N PHE D 22 -18.71 20.73 -15.12
CA PHE D 22 -17.96 21.36 -16.23
C PHE D 22 -17.29 20.28 -17.09
N LEU D 23 -17.67 20.23 -18.35
CA LEU D 23 -17.28 19.14 -19.25
C LEU D 23 -16.14 19.50 -20.20
N GLY D 24 -15.83 20.78 -20.33
CA GLY D 24 -14.70 21.23 -21.13
C GLY D 24 -13.38 21.19 -20.39
N LEU D 25 -12.36 21.80 -20.99
CA LEU D 25 -11.00 21.81 -20.45
C LEU D 25 -10.82 22.87 -19.37
N THR D 26 -10.04 22.51 -18.34
CA THR D 26 -9.59 23.46 -17.32
C THR D 26 -8.08 23.62 -17.43
N LEU D 27 -7.63 24.87 -17.51
CA LEU D 27 -6.22 25.19 -17.75
C LEU D 27 -5.59 25.74 -16.47
N ALA D 28 -4.46 25.14 -16.08
CA ALA D 28 -3.76 25.54 -14.86
C ALA D 28 -2.68 26.54 -15.21
N LEU D 29 -2.71 27.70 -14.53
CA LEU D 29 -1.77 28.79 -14.83
C LEU D 29 -1.21 29.50 -13.59
N SER D 30 0.04 29.94 -13.75
CA SER D 30 0.79 30.67 -12.71
C SER D 30 0.66 32.18 -12.98
N LYS D 31 0.26 32.94 -11.96
CA LYS D 31 0.10 34.40 -12.08
C LYS D 31 1.46 35.10 -12.29
N GLY D 32 1.48 36.11 -13.17
CA GLY D 32 2.68 36.88 -13.45
C GLY D 32 3.39 36.47 -14.73
N ARG D 33 4.66 36.11 -14.61
CA ARG D 33 5.56 35.87 -15.76
C ARG D 33 5.04 34.87 -16.80
N ILE D 34 4.33 33.84 -16.34
CA ILE D 34 3.86 32.76 -17.23
C ILE D 34 2.61 33.21 -17.97
N LEU D 35 1.61 33.68 -17.22
CA LEU D 35 0.34 34.17 -17.76
C LEU D 35 0.53 35.18 -18.89
N GLU D 36 1.41 36.16 -18.63
CA GLU D 36 1.76 37.21 -19.59
C GLU D 36 2.40 36.64 -20.87
N GLU D 37 3.37 35.75 -20.71
CA GLU D 37 4.08 35.17 -21.87
C GLU D 37 3.33 34.08 -22.61
N THR D 38 2.22 33.57 -22.06
CA THR D 38 1.36 32.58 -22.74
C THR D 38 0.16 33.19 -23.48
N MET D 39 -0.34 34.34 -23.00
CA MET D 39 -1.53 34.99 -23.60
C MET D 39 -1.52 35.18 -25.13
N PRO D 40 -0.34 35.51 -25.72
CA PRO D 40 -0.19 35.49 -27.19
C PRO D 40 -0.47 34.13 -27.86
N LEU D 41 -0.07 33.05 -27.21
CA LEU D 41 -0.39 31.68 -27.67
C LEU D 41 -1.86 31.36 -27.46
N LEU D 42 -2.39 31.83 -26.32
CA LEU D 42 -3.81 31.67 -25.95
C LEU D 42 -4.74 32.44 -26.90
N ARG D 43 -4.45 33.72 -27.14
CA ARG D 43 -5.20 34.53 -28.11
C ARG D 43 -5.17 33.91 -29.50
N ALA D 44 -4.01 33.41 -29.92
CA ALA D 44 -3.85 32.70 -31.20
C ALA D 44 -4.60 31.37 -31.27
N ALA D 45 -4.86 30.76 -30.10
CA ALA D 45 -5.69 29.56 -29.99
C ALA D 45 -7.17 29.85 -29.70
N GLY D 46 -7.61 31.10 -29.85
CA GLY D 46 -9.00 31.49 -29.58
C GLY D 46 -9.38 31.53 -28.10
N VAL D 47 -8.41 31.81 -27.24
CA VAL D 47 -8.61 31.82 -25.79
C VAL D 47 -8.15 33.17 -25.19
N GLU D 48 -9.11 34.04 -24.92
CA GLU D 48 -8.87 35.36 -24.34
C GLU D 48 -9.56 35.40 -22.97
N LEU D 49 -8.81 35.79 -21.95
CA LEU D 49 -9.35 35.82 -20.58
C LEU D 49 -10.28 37.03 -20.47
N LEU D 50 -11.34 36.88 -19.68
CA LEU D 50 -12.37 37.93 -19.56
C LEU D 50 -11.99 39.00 -18.53
N GLU D 51 -11.35 38.58 -17.42
CA GLU D 51 -10.93 39.49 -16.36
C GLU D 51 -9.41 39.46 -16.22
N ASP D 52 -8.89 40.12 -15.19
CA ASP D 52 -7.52 39.93 -14.75
C ASP D 52 -7.40 39.83 -13.22
N LYS D 58 -11.73 36.43 -7.26
CA LYS D 58 -11.84 35.67 -8.50
C LYS D 58 -10.75 34.58 -8.52
N LEU D 59 -11.17 33.33 -8.36
CA LEU D 59 -10.23 32.20 -8.34
C LEU D 59 -10.22 31.41 -9.65
N ILE D 60 -11.41 31.18 -10.20
CA ILE D 60 -11.61 30.48 -11.47
C ILE D 60 -12.01 31.56 -12.48
N PHE D 61 -11.52 31.45 -13.71
CA PHE D 61 -11.72 32.49 -14.74
C PHE D 61 -12.33 31.91 -16.00
N PRO D 62 -13.35 32.57 -16.56
CA PRO D 62 -13.82 32.16 -17.88
C PRO D 62 -12.85 32.54 -19.00
N THR D 63 -13.18 32.11 -20.21
CA THR D 63 -12.52 32.58 -21.43
C THR D 63 -13.51 32.68 -22.60
N SER D 64 -13.09 33.39 -23.65
CA SER D 64 -13.89 33.60 -24.87
C SER D 64 -14.43 32.28 -25.44
N ASN D 65 -13.57 31.26 -25.44
CA ASN D 65 -14.01 29.88 -25.64
C ASN D 65 -14.75 29.44 -24.38
N PRO D 66 -16.04 29.04 -24.50
CA PRO D 66 -16.82 28.64 -23.32
C PRO D 66 -16.42 27.27 -22.78
N ASN D 67 -15.84 26.43 -23.63
CA ASN D 67 -15.34 25.11 -23.23
C ASN D 67 -13.95 25.14 -22.59
N VAL D 68 -13.34 26.32 -22.42
CA VAL D 68 -12.10 26.44 -21.64
C VAL D 68 -12.31 27.38 -20.45
N ARG D 69 -11.66 27.06 -19.34
CA ARG D 69 -11.57 27.96 -18.20
C ARG D 69 -10.16 27.90 -17.64
N VAL D 70 -9.82 28.84 -16.76
CA VAL D 70 -8.46 28.97 -16.25
C VAL D 70 -8.45 29.02 -14.72
N LEU D 71 -7.49 28.29 -14.14
CA LEU D 71 -7.18 28.34 -12.71
C LEU D 71 -5.84 29.07 -12.55
N ILE D 72 -5.81 30.05 -11.67
CA ILE D 72 -4.58 30.75 -11.35
C ILE D 72 -4.11 30.22 -9.99
N LEU D 73 -2.89 29.69 -9.96
CA LEU D 73 -2.34 29.15 -8.72
C LEU D 73 -0.85 29.42 -8.65
N ARG D 74 -0.23 29.05 -7.52
CA ARG D 74 1.22 29.13 -7.40
C ARG D 74 1.82 28.17 -8.41
N ALA D 75 2.95 28.57 -9.01
CA ALA D 75 3.59 27.79 -10.06
C ALA D 75 4.02 26.37 -9.67
N SER D 76 4.25 26.15 -8.37
CA SER D 76 4.62 24.84 -7.84
C SER D 76 3.43 23.91 -7.62
N ASP D 77 2.23 24.45 -7.74
CA ASP D 77 1.00 23.70 -7.60
C ASP D 77 0.41 23.28 -8.92
N VAL D 78 0.94 23.79 -10.02
CA VAL D 78 0.39 23.47 -11.32
C VAL D 78 0.49 21.95 -11.58
N PRO D 79 1.69 21.36 -11.42
CA PRO D 79 1.75 19.91 -11.63
C PRO D 79 0.84 19.10 -10.70
N THR D 80 0.65 19.58 -9.47
CA THR D 80 -0.22 18.89 -8.51
C THR D 80 -1.68 18.90 -8.99
N TYR D 81 -2.19 20.07 -9.36
CA TYR D 81 -3.52 20.18 -9.94
C TYR D 81 -3.69 19.39 -11.23
N VAL D 82 -2.66 19.32 -12.06
CA VAL D 82 -2.76 18.60 -13.34
C VAL D 82 -2.71 17.08 -13.14
N GLU D 83 -1.73 16.57 -12.38
CA GLU D 83 -1.59 15.11 -12.19
C GLU D 83 -2.82 14.46 -11.53
N HIS D 84 -3.45 15.18 -10.60
CA HIS D 84 -4.67 14.71 -9.93
C HIS D 84 -5.93 14.95 -10.76
N GLY D 85 -5.81 15.73 -11.84
CA GLY D 85 -6.89 15.94 -12.78
C GLY D 85 -7.88 17.03 -12.42
N ALA D 86 -7.59 17.82 -11.38
CA ALA D 86 -8.44 18.98 -11.03
C ALA D 86 -8.26 20.14 -12.01
N ALA D 87 -7.20 20.07 -12.81
CA ALA D 87 -7.11 20.76 -14.09
C ALA D 87 -6.70 19.73 -15.15
N ASP D 88 -7.21 19.91 -16.36
CA ASP D 88 -6.98 18.96 -17.45
C ASP D 88 -5.59 19.11 -18.03
N PHE D 89 -5.11 20.36 -18.05
CA PHE D 89 -3.78 20.65 -18.58
C PHE D 89 -3.24 21.96 -17.99
N GLY D 90 -1.94 22.19 -18.18
CA GLY D 90 -1.28 23.34 -17.56
C GLY D 90 0.05 23.74 -18.14
N VAL D 91 0.47 24.94 -17.74
CA VAL D 91 1.80 25.48 -18.08
C VAL D 91 2.59 25.74 -16.79
N ALA D 92 3.76 25.12 -16.71
CA ALA D 92 4.65 25.28 -15.57
C ALA D 92 6.08 25.07 -16.00
N GLY D 93 6.99 25.79 -15.35
CA GLY D 93 8.41 25.74 -15.68
C GLY D 93 9.04 24.38 -15.44
N LYS D 94 10.02 24.04 -16.27
CA LYS D 94 10.75 22.78 -16.13
C LYS D 94 11.52 22.70 -14.80
N ASP D 95 11.79 23.85 -14.19
CA ASP D 95 12.31 23.86 -12.83
C ASP D 95 11.32 23.18 -11.85
N VAL D 96 10.03 23.47 -11.98
CA VAL D 96 9.02 22.86 -11.11
C VAL D 96 8.84 21.37 -11.46
N LEU D 97 8.78 21.04 -12.74
CA LEU D 97 8.61 19.64 -13.15
C LEU D 97 9.77 18.77 -12.65
N LEU D 98 11.00 19.26 -12.78
CA LEU D 98 12.17 18.51 -12.30
C LEU D 98 12.15 18.31 -10.79
N GLU D 99 11.85 19.39 -10.06
CA GLU D 99 11.79 19.36 -8.61
C GLU D 99 10.61 18.53 -8.10
N HIS D 100 9.43 18.76 -8.66
CA HIS D 100 8.20 18.04 -8.27
C HIS D 100 8.15 16.59 -8.78
N GLY D 101 8.84 16.31 -9.89
CA GLY D 101 8.72 15.03 -10.58
C GLY D 101 7.47 15.03 -11.45
N ALA D 102 7.64 14.79 -12.76
CA ALA D 102 6.52 14.81 -13.72
C ALA D 102 6.16 13.39 -14.13
N ASN D 103 6.02 12.51 -13.13
CA ASN D 103 5.79 11.09 -13.35
C ASN D 103 4.39 10.84 -13.92
N HIS D 104 3.39 11.51 -13.35
CA HIS D 104 1.98 11.26 -13.67
C HIS D 104 1.34 12.34 -14.57
N VAL D 105 2.14 12.97 -15.43
CA VAL D 105 1.65 13.87 -16.48
C VAL D 105 2.42 13.67 -17.78
N TYR D 106 1.84 14.19 -18.85
CA TYR D 106 2.46 14.19 -20.17
C TYR D 106 2.97 15.58 -20.50
N GLU D 107 4.23 15.67 -20.93
CA GLU D 107 4.86 16.92 -21.31
C GLU D 107 4.86 17.04 -22.84
N LEU D 108 3.80 17.66 -23.35
CA LEU D 108 3.51 17.67 -24.78
C LEU D 108 4.36 18.63 -25.59
N LEU D 109 4.52 19.87 -25.08
CA LEU D 109 5.18 20.95 -25.83
C LEU D 109 6.12 21.82 -24.98
N ASP D 110 7.36 21.96 -25.45
CA ASP D 110 8.25 23.01 -24.94
C ASP D 110 7.80 24.34 -25.55
N LEU D 111 7.28 25.23 -24.74
CA LEU D 111 6.74 26.52 -25.23
C LEU D 111 7.78 27.63 -25.44
N LYS D 112 9.05 27.37 -25.14
CA LYS D 112 10.16 28.34 -25.33
C LYS D 112 9.87 29.73 -24.76
N ILE D 113 9.07 29.80 -23.70
CA ILE D 113 8.75 31.06 -23.04
C ILE D 113 9.13 30.95 -21.58
N ALA D 114 9.22 32.10 -20.92
CA ALA D 114 9.61 32.19 -19.51
C ALA D 114 10.88 31.39 -19.26
N GLN D 115 11.92 31.78 -19.98
CA GLN D 115 13.18 31.04 -19.99
C GLN D 115 14.11 31.56 -18.90
N CYS D 116 14.87 30.64 -18.33
CA CYS D 116 15.82 30.94 -17.26
C CYS D 116 16.73 29.73 -17.10
N LYS D 117 17.49 29.66 -16.02
CA LYS D 117 18.37 28.52 -15.79
C LYS D 117 18.45 28.22 -14.30
N LEU D 118 18.59 26.94 -13.99
CA LEU D 118 18.88 26.48 -12.64
C LEU D 118 20.38 26.50 -12.49
N MET D 119 20.86 27.23 -11.49
CA MET D 119 22.28 27.37 -11.26
C MET D 119 22.59 27.32 -9.77
N THR D 120 23.84 26.96 -9.46
CA THR D 120 24.34 27.05 -8.10
C THR D 120 24.89 28.46 -7.95
N ALA D 121 24.67 29.07 -6.79
CA ALA D 121 25.09 30.45 -6.52
C ALA D 121 25.71 30.58 -5.12
N GLY D 122 26.77 31.38 -5.03
CA GLY D 122 27.45 31.67 -3.77
C GLY D 122 27.79 33.13 -3.65
N VAL D 123 28.40 33.47 -2.52
CA VAL D 123 28.82 34.84 -2.18
C VAL D 123 29.95 35.28 -3.11
N LYS D 124 30.05 36.58 -3.33
CA LYS D 124 31.04 37.18 -4.25
C LYS D 124 32.50 36.86 -3.87
N ASP D 125 33.18 36.15 -4.76
CA ASP D 125 34.62 35.77 -4.64
C ASP D 125 35.04 34.88 -3.44
N ALA D 126 34.11 34.53 -2.57
CA ALA D 126 34.43 33.66 -1.44
C ALA D 126 34.76 32.27 -1.95
N PRO D 127 35.79 31.62 -1.40
CA PRO D 127 36.08 30.23 -1.78
C PRO D 127 35.20 29.22 -1.09
N LEU D 128 35.13 28.01 -1.66
CA LEU D 128 34.36 26.91 -1.08
C LEU D 128 35.04 26.54 0.22
N PRO D 129 34.28 26.27 1.28
CA PRO D 129 34.90 26.00 2.56
C PRO D 129 35.56 24.61 2.60
N ASN D 130 36.34 24.39 3.65
CA ASN D 130 37.07 23.13 3.85
C ASN D 130 36.06 21.98 4.01
N ARG D 131 35.14 22.14 4.95
CA ARG D 131 34.09 21.16 5.28
C ARG D 131 33.11 20.86 4.14
N ARG D 132 32.23 19.89 4.38
CA ARG D 132 31.18 19.51 3.44
C ARG D 132 30.29 20.70 3.05
N LEU D 133 29.87 20.74 1.79
CA LEU D 133 29.00 21.83 1.33
C LEU D 133 27.57 21.71 1.84
N ARG D 134 27.05 22.84 2.34
CA ARG D 134 25.65 23.01 2.71
C ARG D 134 25.00 23.83 1.59
N ILE D 135 23.99 23.26 0.94
CA ILE D 135 23.17 23.98 -0.04
C ILE D 135 21.83 24.26 0.64
N ALA D 136 21.39 25.52 0.58
CA ALA D 136 20.06 25.93 1.01
C ALA D 136 19.27 26.22 -0.24
N THR D 137 18.07 25.65 -0.37
CA THR D 137 17.28 25.83 -1.61
C THR D 137 15.81 25.41 -1.53
N LYS D 138 14.99 26.00 -2.39
CA LYS D 138 13.67 25.46 -2.75
C LYS D 138 13.82 24.12 -3.48
N TYR D 139 14.79 24.06 -4.39
CA TYR D 139 14.92 22.94 -5.32
C TYR D 139 15.77 21.80 -4.76
N VAL D 140 15.26 21.20 -3.69
CA VAL D 140 15.97 20.16 -2.90
C VAL D 140 16.38 18.93 -3.71
N ASN D 141 15.44 18.38 -4.45
CA ASN D 141 15.68 17.19 -5.27
C ASN D 141 16.57 17.52 -6.46
N VAL D 142 16.42 18.74 -7.01
CA VAL D 142 17.29 19.18 -8.09
C VAL D 142 18.73 19.27 -7.59
N ALA D 143 18.87 19.85 -6.39
CA ALA D 143 20.18 20.00 -5.76
C ALA D 143 20.84 18.64 -5.52
N ARG D 144 20.15 17.74 -4.83
CA ARG D 144 20.69 16.39 -4.56
C ARG D 144 21.07 15.67 -5.86
N ALA D 145 20.21 15.78 -6.86
CA ALA D 145 20.41 15.11 -8.14
C ALA D 145 21.62 15.67 -8.87
N TYR D 146 21.76 17.00 -8.89
CA TYR D 146 22.88 17.67 -9.54
C TYR D 146 24.20 17.34 -8.88
N PHE D 147 24.29 17.65 -7.59
CA PHE D 147 25.53 17.41 -6.82
C PHE D 147 25.89 15.92 -6.77
N ALA D 148 24.89 15.04 -6.89
CA ALA D 148 25.15 13.62 -7.13
C ALA D 148 25.85 13.41 -8.47
N SER D 149 25.35 14.04 -9.54
CA SER D 149 25.98 13.94 -10.86
C SER D 149 27.42 14.49 -10.92
N GLN D 150 27.73 15.47 -10.06
CA GLN D 150 29.09 16.00 -9.91
C GLN D 150 29.88 15.30 -8.80
N GLY D 151 29.42 14.11 -8.38
CA GLY D 151 30.11 13.31 -7.36
C GLY D 151 30.46 14.01 -6.07
N GLN D 152 29.62 14.97 -5.68
CA GLN D 152 29.88 15.78 -4.50
C GLN D 152 28.77 15.54 -3.46
N GLN D 153 29.20 15.32 -2.23
CA GLN D 153 28.32 14.93 -1.11
C GLN D 153 27.92 16.26 -0.49
N VAL D 154 26.63 16.45 -0.22
CA VAL D 154 26.17 17.73 0.32
C VAL D 154 25.13 17.57 1.43
N ASP D 155 24.92 18.67 2.14
CA ASP D 155 23.83 18.81 3.10
C ASP D 155 22.84 19.76 2.46
N VAL D 156 21.59 19.35 2.33
CA VAL D 156 20.59 20.18 1.69
C VAL D 156 19.65 20.73 2.75
N ILE D 157 19.34 22.03 2.65
CA ILE D 157 18.44 22.71 3.60
C ILE D 157 17.26 23.33 2.83
N LYS D 158 16.04 22.92 3.20
CA LYS D 158 14.83 23.35 2.50
C LYS D 158 14.41 24.77 2.89
N LEU D 159 14.24 25.62 1.88
CA LEU D 159 13.68 26.96 2.03
C LEU D 159 12.46 27.07 1.14
N TYR D 160 11.41 27.69 1.66
CA TYR D 160 10.23 28.04 0.88
C TYR D 160 10.34 29.48 0.36
N GLY D 161 10.84 30.37 1.22
CA GLY D 161 11.03 31.77 0.87
C GLY D 161 12.28 32.05 0.06
N SER D 162 12.48 33.33 -0.25
CA SER D 162 13.59 33.79 -1.09
C SER D 162 14.94 33.39 -0.49
N MET D 163 15.83 32.90 -1.36
CA MET D 163 17.03 32.18 -0.93
C MET D 163 18.32 33.00 -0.89
N GLU D 164 18.26 34.24 -1.38
CA GLU D 164 19.46 35.08 -1.53
C GLU D 164 20.11 35.37 -0.18
N LEU D 165 19.27 35.49 0.86
CA LEU D 165 19.74 35.72 2.22
C LEU D 165 20.59 34.60 2.81
N ALA D 166 20.33 33.35 2.42
CA ALA D 166 20.93 32.17 3.10
C ALA D 166 22.46 32.11 3.15
N PRO D 167 23.15 32.39 2.02
CA PRO D 167 24.62 32.51 2.02
C PRO D 167 25.17 33.57 2.98
N LEU D 168 24.51 34.73 3.02
CA LEU D 168 24.96 35.92 3.77
C LEU D 168 24.94 35.75 5.29
N VAL D 169 24.08 34.86 5.80
CA VAL D 169 24.07 34.51 7.22
C VAL D 169 24.57 33.06 7.44
N GLY D 170 25.29 32.54 6.44
CA GLY D 170 25.84 31.19 6.49
C GLY D 170 24.89 30.09 6.89
N LEU D 171 23.66 30.13 6.37
CA LEU D 171 22.73 29.03 6.53
C LEU D 171 23.19 27.93 5.61
N GLY D 172 23.45 28.32 4.36
CA GLY D 172 24.14 27.47 3.41
C GLY D 172 25.33 28.21 2.85
N ASP D 173 26.21 27.45 2.21
CA ASP D 173 27.35 28.00 1.47
C ASP D 173 26.91 28.44 0.07
N LEU D 174 26.16 27.56 -0.58
CA LEU D 174 25.58 27.86 -1.88
C LEU D 174 24.05 27.80 -1.85
N ILE D 175 23.45 28.24 -2.95
CA ILE D 175 22.03 28.06 -3.18
C ILE D 175 21.78 27.58 -4.60
N VAL D 176 20.59 27.05 -4.82
CA VAL D 176 20.10 26.69 -6.13
C VAL D 176 18.86 27.56 -6.35
N ASP D 177 18.83 28.28 -7.46
CA ASP D 177 17.73 29.18 -7.79
C ASP D 177 17.69 29.36 -9.30
N VAL D 178 16.58 29.93 -9.77
CA VAL D 178 16.44 30.34 -11.16
C VAL D 178 16.98 31.74 -11.36
N VAL D 179 17.66 31.93 -12.48
CA VAL D 179 18.32 33.19 -12.82
C VAL D 179 18.22 33.42 -14.32
N ASP D 180 17.76 34.61 -14.70
CA ASP D 180 17.74 35.01 -16.10
C ASP D 180 18.97 35.87 -16.37
N THR D 181 19.01 37.06 -15.77
CA THR D 181 20.06 38.04 -16.01
C THR D 181 21.19 37.96 -14.99
N GLY D 182 20.85 37.73 -13.72
CA GLY D 182 21.84 37.74 -12.61
C GLY D 182 21.77 38.99 -11.74
N ASN D 183 20.84 39.89 -12.04
CA ASN D 183 20.77 41.17 -11.35
C ASN D 183 20.34 41.01 -9.91
N THR D 184 19.34 40.16 -9.65
CA THR D 184 18.93 39.83 -8.29
C THR D 184 20.09 39.22 -7.51
N LEU D 185 20.89 38.39 -8.18
CA LEU D 185 22.05 37.74 -7.56
C LEU D 185 23.15 38.74 -7.17
N ARG D 186 23.50 39.63 -8.10
CA ARG D 186 24.50 40.68 -7.83
C ARG D 186 23.98 41.70 -6.82
N ALA D 187 22.70 42.09 -6.94
CA ALA D 187 22.06 43.02 -6.00
C ALA D 187 22.07 42.54 -4.55
N ASN D 188 22.18 41.22 -4.34
CA ASN D 188 22.32 40.65 -2.99
C ASN D 188 23.74 40.12 -2.70
N GLY D 189 24.73 40.63 -3.44
CA GLY D 189 26.13 40.28 -3.24
C GLY D 189 26.48 38.85 -3.54
N LEU D 190 25.78 38.25 -4.50
CA LEU D 190 26.02 36.87 -4.93
C LEU D 190 26.42 36.82 -6.39
N GLU D 191 26.84 35.63 -6.83
CA GLU D 191 27.26 35.40 -8.21
C GLU D 191 27.05 33.94 -8.60
N ALA D 192 26.73 33.71 -9.87
CA ALA D 192 26.51 32.36 -10.38
C ALA D 192 27.79 31.55 -10.30
N ARG D 193 27.66 30.25 -10.00
CA ARG D 193 28.82 29.40 -9.91
C ARG D 193 28.74 28.29 -10.96
N ASP D 194 27.72 27.44 -10.92
CA ASP D 194 27.62 26.37 -11.91
C ASP D 194 26.30 26.38 -12.67
N HIS D 195 26.34 25.98 -13.93
CA HIS D 195 25.14 25.84 -14.76
C HIS D 195 24.59 24.41 -14.66
N ILE D 196 23.46 24.25 -13.98
CA ILE D 196 22.82 22.93 -13.81
C ILE D 196 22.11 22.52 -15.10
N CYS D 197 21.09 23.28 -15.51
CA CYS D 197 20.38 23.04 -16.77
C CYS D 197 19.53 24.24 -17.19
N ASP D 198 19.15 24.27 -18.46
CA ASP D 198 18.26 25.31 -18.98
C ASP D 198 16.81 25.09 -18.58
N VAL D 199 16.03 26.16 -18.55
CA VAL D 199 14.64 26.12 -18.14
C VAL D 199 13.77 26.96 -19.06
N SER D 200 12.60 26.40 -19.36
CA SER D 200 11.54 27.05 -20.12
C SER D 200 10.23 26.41 -19.69
N SER D 201 9.15 27.18 -19.66
CA SER D 201 7.84 26.63 -19.31
C SER D 201 7.39 25.60 -20.33
N ARG D 202 6.74 24.55 -19.84
CA ARG D 202 6.29 23.43 -20.66
C ARG D 202 4.79 23.25 -20.53
N LEU D 203 4.19 22.66 -21.57
CA LEU D 203 2.76 22.34 -21.58
C LEU D 203 2.54 20.89 -21.12
N ILE D 204 1.82 20.75 -20.00
CA ILE D 204 1.57 19.46 -19.38
C ILE D 204 0.09 19.14 -19.43
N VAL D 205 -0.24 17.85 -19.57
CA VAL D 205 -1.60 17.39 -19.79
C VAL D 205 -1.89 16.16 -18.92
N ASN D 206 -3.01 16.20 -18.19
CA ASN D 206 -3.42 15.06 -17.37
C ASN D 206 -3.66 13.84 -18.24
N GLN D 207 -3.19 12.69 -17.76
CA GLN D 207 -3.07 11.49 -18.58
C GLN D 207 -4.44 11.01 -19.07
N VAL D 208 -5.42 11.04 -18.18
CA VAL D 208 -6.80 10.74 -18.52
C VAL D 208 -7.34 11.79 -19.49
N SER D 209 -7.22 13.07 -19.14
CA SER D 209 -7.72 14.17 -19.97
C SER D 209 -7.22 14.11 -21.41
N TYR D 210 -6.01 13.61 -21.62
CA TYR D 210 -5.44 13.41 -22.96
C TYR D 210 -6.15 12.35 -23.80
N LYS D 211 -6.68 11.32 -23.16
CA LYS D 211 -7.44 10.27 -23.83
C LYS D 211 -8.89 10.74 -24.01
N ARG D 212 -9.53 11.11 -22.91
CA ARG D 212 -10.94 11.50 -22.91
C ARG D 212 -11.27 12.76 -23.73
N LYS D 213 -10.51 13.84 -23.55
CA LYS D 213 -10.84 15.15 -24.15
C LYS D 213 -9.92 15.63 -25.29
N PHE D 214 -9.23 14.70 -25.95
CA PHE D 214 -8.31 15.00 -27.06
C PHE D 214 -8.92 15.88 -28.17
N ALA D 215 -10.20 15.63 -28.46
CA ALA D 215 -10.97 16.39 -29.45
C ALA D 215 -10.99 17.89 -29.17
N LEU D 216 -11.07 18.24 -27.89
CA LEU D 216 -11.02 19.64 -27.45
C LEU D 216 -9.59 20.18 -27.43
N LEU D 217 -8.64 19.31 -27.07
CA LEU D 217 -7.21 19.67 -26.98
C LEU D 217 -6.51 19.85 -28.33
N GLU D 218 -6.78 18.98 -29.30
CA GLU D 218 -6.06 18.99 -30.60
C GLU D 218 -5.91 20.38 -31.26
N PRO D 219 -7.02 21.16 -31.38
CA PRO D 219 -6.87 22.51 -31.97
C PRO D 219 -5.90 23.42 -31.19
N ILE D 220 -6.16 23.56 -29.89
CA ILE D 220 -5.32 24.37 -28.99
C ILE D 220 -3.85 23.96 -29.04
N LEU D 221 -3.57 22.67 -29.04
CA LEU D 221 -2.21 22.15 -29.21
C LEU D 221 -1.63 22.55 -30.57
N ASP D 222 -2.44 22.47 -31.63
CA ASP D 222 -2.00 22.88 -32.97
C ASP D 222 -1.71 24.39 -33.06
N SER D 223 -2.54 25.22 -32.42
CA SER D 223 -2.29 26.67 -32.38
C SER D 223 -0.97 26.99 -31.71
N PHE D 224 -0.80 26.45 -30.49
CA PHE D 224 0.40 26.65 -29.69
C PHE D 224 1.59 26.22 -30.51
N LYS D 225 1.55 24.99 -31.02
CA LYS D 225 2.59 24.45 -31.91
C LYS D 225 2.89 25.37 -33.10
N ASN D 226 1.85 25.98 -33.68
CA ASN D 226 2.02 26.96 -34.75
C ASN D 226 2.71 28.22 -34.22
N SER D 227 2.18 28.80 -33.14
CA SER D 227 2.77 30.02 -32.59
C SER D 227 4.22 29.88 -32.08
N ILE D 228 4.68 28.66 -31.77
CA ILE D 228 6.09 28.37 -31.49
C ILE D 228 7.01 28.65 -32.70
N ASN D 229 6.61 28.29 -33.91
CA ASN D 229 7.35 28.66 -35.12
C ASN D 229 6.49 28.51 -36.38
CL CL E . -3.98 -20.01 -0.36
CL CL F . 0.98 3.44 -18.49
CL CL G . 1.95 15.73 -36.84
PB ADP H . 2.33 34.24 4.98
O1B ADP H . 3.72 34.20 4.39
O2B ADP H . 1.74 32.86 5.12
O3B ADP H . 1.42 35.20 4.26
PA ADP H . 1.38 35.36 7.49
O1A ADP H . 1.79 36.71 7.98
O2A ADP H . 0.03 35.22 6.89
O3A ADP H . 2.48 34.82 6.46
O5' ADP H . 1.55 34.28 8.66
C5' ADP H . 2.10 34.65 9.94
C4' ADP H . 1.38 33.90 11.05
O4' ADP H . 0.27 34.70 11.52
C3' ADP H . 0.77 32.54 10.69
O3' ADP H . 1.77 31.53 10.84
C2' ADP H . -0.35 32.43 11.72
O2' ADP H . 0.11 31.99 12.98
C1' ADP H . -0.83 33.87 11.82
N9 ADP H . -1.91 34.24 10.92
C8 ADP H . -2.05 33.89 9.60
N7 ADP H . -3.14 34.38 9.06
C5 ADP H . -3.74 35.12 10.07
C6 ADP H . -4.91 35.90 10.13
N6 ADP H . -5.74 36.07 9.10
N1 ADP H . -5.20 36.51 11.30
C2 ADP H . -4.37 36.35 12.34
N3 ADP H . -3.25 35.63 12.40
C4 ADP H . -2.99 35.05 11.23
C1 PRP I . -4.35 34.30 6.04
C2 PRP I . -4.67 33.01 5.34
C3 PRP I . -6.20 33.01 5.34
C4 PRP I . -6.59 34.06 6.38
C5 PRP I . -7.59 33.59 7.42
O1 PRP I . -4.52 35.38 5.12
O2 PRP I . -4.09 32.96 4.02
O3 PRP I . -6.69 33.35 4.04
O4 PRP I . -5.36 34.42 7.03
O5 PRP I . -8.18 34.71 8.10
P PRP I . -9.72 35.16 7.98
O1P PRP I . -10.04 35.69 9.35
O2P PRP I . -10.48 33.89 7.68
O3P PRP I . -9.74 36.21 6.88
PA PRP I . -3.63 36.70 5.06
O1A PRP I . -2.21 36.35 5.45
O2A PRP I . -4.35 37.80 5.80
O3A PRP I . -3.64 37.04 3.48
PB PRP I . -2.93 36.15 2.32
O1B PRP I . -1.84 35.33 2.97
O2B PRP I . -4.04 35.32 1.74
O3B PRP I . -2.40 37.23 1.41
MG MG J . -0.62 34.55 5.24
C1 PRP K . 13.00 35.13 -10.22
C2 PRP K . 13.78 34.33 -9.19
C3 PRP K . 14.90 35.25 -8.73
C4 PRP K . 14.97 36.33 -9.80
C5 PRP K . 16.26 36.22 -10.61
O1 PRP K . 11.76 35.62 -9.69
O2 PRP K . 12.95 33.82 -8.13
O3 PRP K . 14.66 35.80 -7.42
O4 PRP K . 13.85 36.18 -10.67
O5 PRP K . 16.18 36.99 -11.82
P PRP K . 17.45 37.74 -12.49
O1P PRP K . 18.67 36.97 -12.04
O2P PRP K . 17.38 39.16 -12.00
O3P PRP K . 17.20 37.60 -13.97
PA PRP K . 11.49 37.15 -9.29
O1A PRP K . 12.32 37.47 -8.08
O2A PRP K . 11.64 37.99 -10.54
O3A PRP K . 9.92 37.10 -8.87
PB PRP K . 9.33 36.05 -7.77
O1B PRP K . 10.14 36.32 -6.52
O2B PRP K . 7.87 36.41 -7.66
O3B PRP K . 9.58 34.68 -8.37
PB ADP L . 6.29 32.30 -7.59
O1B ADP L . 6.97 31.24 -6.77
O2B ADP L . 4.92 31.88 -8.06
O3B ADP L . 6.26 33.64 -6.89
PA ADP L . 6.89 33.28 -10.32
O1A ADP L . 7.11 34.73 -10.11
O2A ADP L . 5.55 32.83 -10.82
O3A ADP L . 7.17 32.50 -8.94
O5' ADP L . 8.04 32.70 -11.27
C5' ADP L . 7.87 32.65 -12.71
C4' ADP L . 8.00 31.22 -13.19
O4' ADP L . 8.77 31.21 -14.43
C3' ADP L . 8.73 30.25 -12.22
O3' ADP L . 7.78 29.38 -11.64
C2' ADP L . 9.78 29.58 -13.12
O2' ADP L . 9.33 28.39 -13.73
C1' ADP L . 10.03 30.65 -14.17
N9 ADP L . 10.91 31.75 -13.78
C8 ADP L . 11.28 32.14 -12.52
N7 ADP L . 12.10 33.16 -12.52
C5 ADP L . 12.26 33.47 -13.86
C6 ADP L . 13.01 34.48 -14.51
N6 ADP L . 13.74 35.38 -13.86
N1 ADP L . 12.95 34.52 -15.86
C2 ADP L . 12.20 33.61 -16.50
N3 ADP L . 11.46 32.61 -15.99
C4 ADP L . 11.53 32.61 -14.64
#